data_2EIG
#
_entry.id   2EIG
#
_cell.length_a   68.892
_cell.length_b   65.835
_cell.length_c   102.537
_cell.angle_alpha   90.00
_cell.angle_beta   92.00
_cell.angle_gamma   90.00
#
_symmetry.space_group_name_H-M   'P 1 21 1'
#
loop_
_entity.id
_entity.type
_entity.pdbx_description
1 polymer lectin
2 non-polymer 2-acetamido-2-deoxy-beta-D-glucopyranose
3 non-polymer 'MANGANESE (II) ION'
4 non-polymer 'CALCIUM ION'
5 water water
#
_entity_poly.entity_id   1
_entity_poly.type   'polypeptide(L)'
_entity_poly.pdbx_seq_one_letter_code
;VSFNYTRFKDDGSLIFQGDAKIWTDGRLAMPTDPLVNRTTSHALYATPVPIWDSATGNVASFITSFSFIVSNVQRYPPTD
GVVFFLAPWGTEIPPNSQGGYLGITDSSNSQNQFVAVEFDSHPNVWDPKSLRSSHIGIDVNSIMSLKAVNWNRVSGSLEK
ATIIYDSDTKILTVVMTHQNGQITTISQEIDLKTVLPEKVSVGFSATTWNPERERHDIYSWSFTSTLKEPEEQA
;
_entity_poly.pdbx_strand_id   A,B,C,D
#
loop_
_chem_comp.id
_chem_comp.type
_chem_comp.name
_chem_comp.formula
CA non-polymer 'CALCIUM ION' 'Ca 2'
MN non-polymer 'MANGANESE (II) ION' 'Mn 2'
NAG D-saccharide, beta linking 2-acetamido-2-deoxy-beta-D-glucopyranose 'C8 H15 N O6'
#
# COMPACT_ATOMS: atom_id res chain seq x y z
N VAL A 1 -9.85 -7.07 -21.50
CA VAL A 1 -9.37 -8.28 -22.21
C VAL A 1 -9.78 -9.45 -21.34
N SER A 2 -10.32 -10.48 -21.97
CA SER A 2 -10.69 -11.69 -21.22
C SER A 2 -10.31 -12.93 -22.03
N PHE A 3 -9.55 -13.84 -21.43
CA PHE A 3 -9.29 -15.12 -22.07
C PHE A 3 -9.05 -16.13 -20.99
N ASN A 4 -9.06 -17.39 -21.38
CA ASN A 4 -9.04 -18.48 -20.42
C ASN A 4 -8.61 -19.71 -21.20
N TYR A 5 -7.35 -20.08 -21.05
CA TYR A 5 -6.78 -21.29 -21.62
C TYR A 5 -6.81 -22.38 -20.54
N THR A 6 -7.65 -23.38 -20.73
CA THR A 6 -7.68 -24.50 -19.80
C THR A 6 -6.56 -25.42 -20.24
N ARG A 7 -6.25 -25.35 -21.53
CA ARG A 7 -4.98 -25.81 -22.07
C ARG A 7 -4.62 -24.97 -23.30
N PHE A 8 -3.42 -25.20 -23.81
CA PHE A 8 -2.98 -24.38 -24.92
C PHE A 8 -3.11 -25.02 -26.26
N LYS A 9 -3.77 -24.31 -27.16
CA LYS A 9 -3.89 -24.75 -28.53
C LYS A 9 -3.08 -23.83 -29.41
N ASP A 10 -2.54 -24.43 -30.44
CA ASP A 10 -1.74 -23.73 -31.43
C ASP A 10 -2.66 -22.88 -32.35
N ASP A 11 -3.26 -21.83 -31.81
CA ASP A 11 -4.46 -21.27 -32.44
C ASP A 11 -4.31 -19.79 -32.80
N GLY A 12 -3.05 -19.32 -32.87
CA GLY A 12 -2.77 -17.92 -33.15
C GLY A 12 -3.16 -16.88 -32.10
N SER A 13 -3.68 -17.32 -30.96
CA SER A 13 -4.03 -16.40 -29.89
C SER A 13 -2.75 -15.93 -29.13
N LEU A 14 -1.68 -16.73 -29.17
CA LEU A 14 -0.41 -16.34 -28.53
C LEU A 14 0.71 -16.10 -29.55
N ILE A 15 1.74 -15.38 -29.09
CA ILE A 15 2.97 -15.21 -29.82
C ILE A 15 4.05 -15.97 -29.06
N PHE A 16 4.74 -16.84 -29.78
CA PHE A 16 5.84 -17.60 -29.19
C PHE A 16 7.14 -17.11 -29.75
N GLN A 17 8.11 -16.90 -28.86
CA GLN A 17 9.43 -16.40 -29.22
C GLN A 17 10.42 -17.28 -28.55
N GLY A 18 11.55 -17.48 -29.21
CA GLY A 18 12.60 -18.35 -28.76
C GLY A 18 12.11 -19.79 -28.63
N ASP A 19 12.42 -20.36 -27.47
CA ASP A 19 12.18 -21.79 -27.20
C ASP A 19 10.80 -22.13 -26.68
N ALA A 20 9.88 -21.17 -26.72
CA ALA A 20 8.53 -21.45 -26.26
C ALA A 20 7.73 -22.18 -27.34
N LYS A 21 6.99 -23.23 -26.97
CA LYS A 21 6.22 -24.06 -27.93
C LYS A 21 5.06 -24.69 -27.22
N ILE A 22 3.96 -24.92 -27.94
CA ILE A 22 2.93 -25.83 -27.40
C ILE A 22 3.60 -27.22 -27.41
N TRP A 23 3.54 -27.95 -26.29
CA TRP A 23 4.14 -29.30 -26.18
C TRP A 23 3.05 -30.32 -25.82
N THR A 24 3.43 -31.56 -25.54
CA THR A 24 2.46 -32.64 -25.28
C THR A 24 1.31 -32.25 -24.37
N ASP A 25 0.12 -32.73 -24.73
CA ASP A 25 -1.09 -32.62 -23.90
C ASP A 25 -1.52 -31.16 -23.73
N GLY A 26 -1.35 -30.33 -24.76
CA GLY A 26 -1.75 -28.94 -24.70
C GLY A 26 -1.05 -28.07 -23.67
N ARG A 27 0.21 -28.36 -23.36
CA ARG A 27 0.90 -27.55 -22.34
C ARG A 27 1.84 -26.53 -22.97
N LEU A 28 2.07 -25.42 -22.29
CA LEU A 28 2.96 -24.40 -22.78
C LEU A 28 4.37 -24.63 -22.19
N ALA A 29 5.30 -25.05 -23.06
CA ALA A 29 6.62 -25.43 -22.57
C ALA A 29 7.64 -24.32 -22.84
N MET A 30 8.37 -23.97 -21.79
CA MET A 30 9.25 -22.82 -21.86
C MET A 30 10.47 -23.19 -21.03
N PRO A 31 11.43 -23.89 -21.62
CA PRO A 31 11.45 -24.18 -23.06
C PRO A 31 10.86 -25.55 -23.42
N THR A 32 10.61 -25.71 -24.70
CA THR A 32 10.17 -26.98 -25.22
C THR A 32 11.21 -28.09 -24.91
N ASP A 33 12.50 -27.77 -25.06
CA ASP A 33 13.53 -28.74 -24.77
C ASP A 33 14.70 -28.15 -23.94
N PRO A 34 14.74 -28.44 -22.64
CA PRO A 34 15.83 -27.88 -21.84
C PRO A 34 17.21 -28.53 -22.15
N LEU A 35 17.22 -29.74 -22.75
CA LEU A 35 18.46 -30.49 -23.06
C LEU A 35 19.39 -29.74 -23.97
N VAL A 36 18.78 -28.86 -24.76
CA VAL A 36 19.44 -27.99 -25.68
C VAL A 36 20.63 -27.20 -25.09
N ASN A 37 20.48 -26.82 -23.83
CA ASN A 37 21.37 -25.86 -23.14
C ASN A 37 20.64 -24.54 -22.79
N ARG A 38 21.22 -23.36 -23.07
CA ARG A 38 20.60 -22.10 -22.71
C ARG A 38 19.37 -21.89 -23.56
N THR A 39 18.27 -21.59 -22.89
CA THR A 39 17.11 -21.22 -23.66
C THR A 39 16.56 -19.92 -23.13
N THR A 40 15.88 -19.22 -24.02
CA THR A 40 15.01 -18.13 -23.64
C THR A 40 13.74 -18.36 -24.40
N SER A 41 12.62 -18.19 -23.71
CA SER A 41 11.28 -18.39 -24.23
C SER A 41 10.38 -17.28 -23.76
N HIS A 42 9.61 -16.72 -24.69
CA HIS A 42 8.53 -15.80 -24.45
C HIS A 42 7.27 -16.42 -25.00
N ALA A 43 6.17 -16.28 -24.28
CA ALA A 43 4.86 -16.68 -24.80
C ALA A 43 3.95 -15.56 -24.35
N LEU A 44 3.50 -14.79 -25.33
CA LEU A 44 2.72 -13.57 -25.04
C LEU A 44 1.32 -13.76 -25.54
N TYR A 45 0.35 -13.21 -24.84
CA TYR A 45 -0.94 -13.03 -25.43
C TYR A 45 -0.74 -12.18 -26.72
N ALA A 46 -1.38 -12.59 -27.82
CA ALA A 46 -1.08 -11.95 -29.10
C ALA A 46 -1.76 -10.61 -29.39
N THR A 47 -2.50 -10.05 -28.45
CA THR A 47 -3.16 -8.76 -28.67
C THR A 47 -2.66 -7.80 -27.65
N PRO A 48 -2.41 -6.54 -28.06
CA PRO A 48 -1.94 -5.60 -27.04
C PRO A 48 -2.96 -5.53 -25.93
N VAL A 49 -2.49 -5.38 -24.70
CA VAL A 49 -3.43 -5.16 -23.58
C VAL A 49 -3.38 -3.65 -23.22
N PRO A 50 -4.54 -2.97 -23.23
CA PRO A 50 -4.53 -1.59 -22.82
C PRO A 50 -4.55 -1.51 -21.29
N ILE A 51 -3.55 -0.87 -20.71
CA ILE A 51 -3.47 -0.87 -19.25
C ILE A 51 -3.68 0.49 -18.63
N TRP A 52 -3.75 1.50 -19.48
CA TRP A 52 -4.22 2.78 -19.05
C TRP A 52 -4.68 3.61 -20.24
N ASP A 53 -5.50 4.60 -19.93
CA ASP A 53 -6.19 5.36 -20.93
C ASP A 53 -5.76 6.81 -20.81
N SER A 54 -5.29 7.37 -21.93
CA SER A 54 -4.75 8.74 -21.96
C SER A 54 -5.75 9.81 -21.53
N ALA A 55 -6.98 9.73 -22.03
CA ALA A 55 -7.95 10.81 -21.79
C ALA A 55 -8.29 10.95 -20.30
N THR A 56 -8.60 9.81 -19.66
CA THR A 56 -9.09 9.77 -18.25
C THR A 56 -7.98 9.61 -17.22
N GLY A 57 -6.82 9.17 -17.66
CA GLY A 57 -5.78 8.84 -16.71
C GLY A 57 -6.09 7.54 -15.97
N ASN A 58 -7.17 6.83 -16.38
CA ASN A 58 -7.55 5.53 -15.80
C ASN A 58 -6.49 4.45 -16.06
N VAL A 59 -6.27 3.57 -15.07
CA VAL A 59 -5.37 2.44 -15.21
C VAL A 59 -6.20 1.16 -15.10
N ALA A 60 -5.82 0.15 -15.87
CA ALA A 60 -6.53 -1.15 -15.85
C ALA A 60 -6.37 -1.91 -14.52
N SER A 61 -7.43 -2.64 -14.15
CA SER A 61 -7.27 -3.70 -13.17
C SER A 61 -7.17 -5.00 -13.90
N PHE A 62 -6.48 -5.97 -13.31
CA PHE A 62 -6.55 -7.29 -13.87
C PHE A 62 -6.46 -8.35 -12.80
N ILE A 63 -6.87 -9.53 -13.20
CA ILE A 63 -6.55 -10.71 -12.45
C ILE A 63 -6.06 -11.69 -13.45
N THR A 64 -4.99 -12.37 -13.12
CA THR A 64 -4.57 -13.44 -13.95
C THR A 64 -4.32 -14.67 -13.07
N SER A 65 -4.59 -15.86 -13.62
CA SER A 65 -4.28 -17.15 -12.97
C SER A 65 -3.61 -18.07 -13.94
N PHE A 66 -2.64 -18.81 -13.44
CA PHE A 66 -2.01 -19.82 -14.27
C PHE A 66 -1.47 -20.98 -13.43
N SER A 67 -1.63 -22.20 -13.96
CA SER A 67 -1.09 -23.41 -13.35
C SER A 67 0.14 -23.71 -14.11
N PHE A 68 1.18 -24.12 -13.39
CA PHE A 68 2.45 -24.44 -14.02
C PHE A 68 3.19 -25.44 -13.13
N ILE A 69 4.14 -26.14 -13.72
CA ILE A 69 5.04 -26.94 -12.93
C ILE A 69 6.47 -26.67 -13.49
N VAL A 70 7.43 -26.54 -12.57
CA VAL A 70 8.86 -26.57 -12.93
C VAL A 70 9.46 -27.91 -12.57
N SER A 71 10.28 -28.44 -13.46
CA SER A 71 10.79 -29.81 -13.31
C SER A 71 12.26 -29.86 -13.53
N ASN A 72 12.91 -30.62 -12.65
CA ASN A 72 14.36 -30.91 -12.78
C ASN A 72 14.67 -31.66 -14.08
N VAL A 73 15.86 -31.46 -14.62
CA VAL A 73 16.31 -32.14 -15.81
C VAL A 73 17.66 -32.78 -15.50
N GLN A 74 17.83 -34.08 -15.60
CA GLN A 74 17.37 -34.98 -14.61
C GLN A 74 18.42 -34.67 -13.49
N ARG A 75 19.74 -34.65 -13.78
CA ARG A 75 20.71 -34.31 -12.67
C ARG A 75 21.18 -32.85 -12.59
N TYR A 76 20.83 -32.03 -13.57
CA TYR A 76 21.30 -30.64 -13.59
C TYR A 76 20.69 -29.84 -12.45
N PRO A 77 21.45 -28.87 -11.91
CA PRO A 77 20.80 -28.02 -10.91
C PRO A 77 19.75 -27.07 -11.61
N PRO A 78 18.69 -26.66 -10.88
CA PRO A 78 17.69 -25.84 -11.59
C PRO A 78 18.14 -24.40 -11.89
N THR A 79 17.73 -23.94 -13.08
CA THR A 79 17.72 -22.53 -13.46
C THR A 79 16.87 -22.39 -14.70
N ASP A 80 16.37 -21.19 -15.00
CA ASP A 80 16.57 -20.02 -14.12
C ASP A 80 15.27 -19.52 -13.55
N GLY A 81 14.18 -19.71 -14.27
CA GLY A 81 12.90 -19.39 -13.71
C GLY A 81 11.97 -19.11 -14.82
N VAL A 82 10.72 -18.86 -14.46
CA VAL A 82 9.70 -18.42 -15.39
C VAL A 82 9.01 -17.22 -14.72
N VAL A 83 8.68 -16.22 -15.53
CA VAL A 83 7.96 -15.06 -15.03
C VAL A 83 6.67 -14.82 -15.77
N PHE A 84 5.66 -14.32 -15.06
CA PHE A 84 4.59 -13.58 -15.65
C PHE A 84 4.99 -12.09 -15.71
N PHE A 85 4.83 -11.49 -16.87
CA PHE A 85 5.27 -10.12 -17.09
C PHE A 85 4.39 -9.29 -18.05
N LEU A 86 4.36 -8.00 -17.73
CA LEU A 86 3.90 -6.93 -18.59
C LEU A 86 5.11 -6.17 -19.09
N ALA A 87 5.08 -5.89 -20.38
CA ALA A 87 6.15 -5.13 -21.05
C ALA A 87 5.54 -4.31 -22.19
N PRO A 88 6.20 -3.19 -22.57
CA PRO A 88 5.74 -2.37 -23.66
C PRO A 88 5.38 -3.24 -24.83
N TRP A 89 4.20 -3.04 -25.35
CA TRP A 89 3.85 -3.75 -26.58
C TRP A 89 4.90 -3.46 -27.69
N GLY A 90 5.29 -4.50 -28.42
CA GLY A 90 6.41 -4.41 -29.33
C GLY A 90 7.72 -4.86 -28.68
N THR A 91 7.69 -5.22 -27.37
CA THR A 91 8.71 -6.03 -26.61
C THR A 91 9.29 -7.10 -27.57
N GLU A 92 10.61 -7.21 -27.71
CA GLU A 92 11.20 -8.46 -28.23
C GLU A 92 12.02 -9.00 -27.08
N ILE A 93 12.50 -10.24 -27.20
CA ILE A 93 13.38 -10.82 -26.22
C ILE A 93 14.57 -9.89 -26.13
N PRO A 94 14.85 -9.34 -24.94
CA PRO A 94 15.94 -8.34 -24.93
C PRO A 94 17.32 -8.92 -25.15
N PRO A 95 18.23 -8.08 -25.69
CA PRO A 95 19.65 -8.45 -25.73
C PRO A 95 20.12 -8.76 -24.31
N ASN A 96 21.17 -9.57 -24.12
CA ASN A 96 21.78 -9.75 -22.76
C ASN A 96 20.81 -10.15 -21.61
N SER A 97 19.75 -10.88 -21.99
CA SER A 97 18.74 -11.33 -21.05
C SER A 97 18.78 -12.84 -20.70
N GLN A 98 19.86 -13.53 -21.09
CA GLN A 98 19.98 -14.97 -20.82
C GLN A 98 20.06 -15.29 -19.36
N GLY A 99 19.81 -16.57 -19.03
CA GLY A 99 20.06 -17.07 -17.68
C GLY A 99 19.24 -16.33 -16.62
N GLY A 100 19.95 -15.81 -15.63
CA GLY A 100 19.32 -15.21 -14.47
C GLY A 100 18.58 -13.90 -14.74
N TYR A 101 18.82 -13.34 -15.94
CA TYR A 101 18.10 -12.13 -16.41
C TYR A 101 16.71 -12.44 -16.97
N LEU A 102 16.36 -13.74 -16.99
CA LEU A 102 14.99 -14.22 -17.17
C LEU A 102 14.30 -13.87 -18.49
N GLY A 103 15.07 -13.45 -19.48
CA GLY A 103 14.54 -13.05 -20.77
C GLY A 103 13.78 -11.74 -20.68
N ILE A 104 13.91 -11.03 -19.57
CA ILE A 104 13.17 -9.76 -19.36
C ILE A 104 14.09 -8.54 -19.17
N THR A 105 15.31 -8.78 -18.75
CA THR A 105 16.24 -7.70 -18.47
C THR A 105 17.41 -7.81 -19.42
N ASP A 106 17.66 -6.74 -20.17
CA ASP A 106 18.93 -6.53 -20.83
C ASP A 106 19.94 -6.10 -19.76
N SER A 107 20.91 -6.96 -19.49
CA SER A 107 21.86 -6.79 -18.41
C SER A 107 22.81 -5.61 -18.63
N SER A 108 22.88 -5.12 -19.87
CA SER A 108 23.79 -4.00 -20.22
C SER A 108 23.04 -2.69 -20.37
N ASN A 109 21.92 -2.57 -19.66
CA ASN A 109 20.91 -1.50 -19.72
C ASN A 109 20.19 -1.84 -18.38
N SER A 110 19.41 -1.04 -17.67
CA SER A 110 19.21 0.43 -17.60
C SER A 110 17.87 1.00 -18.03
N GLN A 111 17.54 0.78 -19.28
CA GLN A 111 16.27 1.24 -19.81
C GLN A 111 15.21 0.15 -19.61
N ASN A 112 15.53 -0.91 -18.89
CA ASN A 112 14.57 -2.02 -18.78
C ASN A 112 13.27 -1.60 -18.20
N GLN A 113 12.19 -1.97 -18.87
CA GLN A 113 10.91 -1.47 -18.50
C GLN A 113 9.88 -2.62 -18.52
N PHE A 114 9.37 -2.99 -17.37
CA PHE A 114 8.49 -4.17 -17.27
C PHE A 114 8.04 -4.32 -15.85
N VAL A 115 6.98 -5.07 -15.71
CA VAL A 115 6.51 -5.48 -14.40
C VAL A 115 6.46 -6.99 -14.54
N ALA A 116 7.07 -7.68 -13.58
CA ALA A 116 7.09 -9.12 -13.63
C ALA A 116 6.86 -9.73 -12.23
N VAL A 117 6.20 -10.90 -12.23
CA VAL A 117 6.18 -11.81 -11.12
C VAL A 117 7.03 -13.04 -11.55
N GLU A 118 8.15 -13.20 -10.86
CA GLU A 118 9.13 -14.20 -11.22
C GLU A 118 9.06 -15.36 -10.26
N PHE A 119 9.37 -16.52 -10.81
CA PHE A 119 9.39 -17.74 -10.05
C PHE A 119 10.82 -18.11 -10.40
N ASP A 120 11.72 -17.83 -9.49
CA ASP A 120 13.11 -17.83 -9.76
C ASP A 120 13.68 -19.05 -9.01
N SER A 121 14.28 -19.96 -9.76
CA SER A 121 14.71 -21.26 -9.21
C SER A 121 16.20 -21.25 -8.85
N HIS A 122 16.89 -20.15 -9.07
CA HIS A 122 18.35 -20.11 -8.94
C HIS A 122 18.85 -18.79 -8.33
N PRO A 123 19.53 -18.86 -7.16
CA PRO A 123 20.09 -17.66 -6.51
C PRO A 123 21.26 -17.09 -7.29
N ASN A 124 21.01 -15.95 -7.90
CA ASN A 124 22.03 -15.18 -8.54
C ASN A 124 22.55 -14.22 -7.46
N VAL A 125 23.59 -13.47 -7.80
CA VAL A 125 24.20 -12.50 -6.88
C VAL A 125 23.23 -11.43 -6.36
N TRP A 126 22.17 -11.11 -7.15
CA TRP A 126 21.27 -10.01 -6.86
C TRP A 126 19.99 -10.51 -6.23
N ASP A 127 19.89 -11.83 -6.13
CA ASP A 127 18.76 -12.50 -5.55
C ASP A 127 18.79 -12.44 -4.04
N PRO A 128 17.62 -12.62 -3.42
CA PRO A 128 17.52 -12.45 -1.98
C PRO A 128 18.61 -13.26 -1.27
N LYS A 129 19.62 -12.50 -0.85
CA LYS A 129 20.90 -12.93 -0.21
C LYS A 129 20.50 -13.19 1.19
N SER A 130 19.17 -13.30 1.34
CA SER A 130 18.54 -13.99 2.41
C SER A 130 19.23 -15.28 2.14
N LEU A 131 19.08 -16.28 2.98
CA LEU A 131 19.28 -17.54 2.34
C LEU A 131 17.87 -17.84 1.89
N ARG A 132 17.57 -17.30 0.70
CA ARG A 132 16.52 -17.85 -0.15
C ARG A 132 17.35 -18.54 -1.20
N SER A 133 16.88 -19.70 -1.59
CA SER A 133 17.26 -20.30 -2.83
C SER A 133 16.17 -19.84 -3.85
N SER A 134 15.23 -20.72 -4.16
CA SER A 134 14.10 -20.36 -5.01
C SER A 134 13.23 -19.36 -4.30
N HIS A 135 12.69 -18.42 -5.06
CA HIS A 135 11.89 -17.39 -4.50
C HIS A 135 10.87 -16.91 -5.52
N ILE A 136 9.79 -16.35 -5.01
CA ILE A 136 8.79 -15.74 -5.86
C ILE A 136 9.04 -14.24 -5.65
N GLY A 137 9.25 -13.50 -6.73
CA GLY A 137 9.50 -12.07 -6.60
C GLY A 137 8.61 -11.18 -7.44
N ILE A 138 8.41 -9.95 -6.98
CA ILE A 138 7.84 -8.88 -7.83
C ILE A 138 8.91 -7.92 -8.31
N ASP A 139 9.07 -7.86 -9.64
CA ASP A 139 10.12 -7.11 -10.31
C ASP A 139 9.52 -5.93 -11.09
N VAL A 140 10.09 -4.76 -10.86
CA VAL A 140 9.75 -3.61 -11.68
C VAL A 140 11.03 -2.98 -12.22
N ASN A 141 11.22 -3.09 -13.53
CA ASN A 141 12.34 -2.49 -14.25
C ASN A 141 13.69 -3.08 -13.88
N SER A 142 13.73 -3.90 -12.84
CA SER A 142 15.00 -4.44 -12.40
C SER A 142 14.87 -5.95 -12.16
N ILE A 143 15.98 -6.68 -12.28
CA ILE A 143 16.06 -8.12 -11.95
C ILE A 143 16.13 -8.31 -10.44
N MET A 144 16.47 -7.26 -9.71
CA MET A 144 16.37 -7.35 -8.26
C MET A 144 14.99 -7.04 -7.81
N SER A 145 14.36 -8.04 -7.20
CA SER A 145 12.97 -7.95 -6.84
C SER A 145 12.74 -6.84 -5.81
N LEU A 146 11.63 -6.13 -5.98
CA LEU A 146 11.21 -5.11 -5.01
C LEU A 146 10.76 -5.76 -3.72
N LYS A 147 10.16 -6.94 -3.89
CA LYS A 147 9.69 -7.75 -2.77
C LYS A 147 9.74 -9.19 -3.22
N ALA A 148 10.21 -10.08 -2.36
CA ALA A 148 10.29 -11.48 -2.71
C ALA A 148 9.99 -12.34 -1.51
N VAL A 149 9.54 -13.54 -1.80
CA VAL A 149 9.19 -14.44 -0.75
C VAL A 149 9.88 -15.72 -1.08
N ASN A 150 10.19 -16.52 -0.09
CA ASN A 150 10.85 -17.76 -0.40
C ASN A 150 9.84 -18.79 -0.99
N TRP A 151 10.35 -19.61 -1.90
CA TRP A 151 9.56 -20.54 -2.68
C TRP A 151 10.13 -21.95 -2.49
N ASN A 152 9.30 -22.83 -1.93
CA ASN A 152 9.63 -24.25 -1.82
C ASN A 152 9.56 -24.86 -3.18
N ARG A 153 10.59 -24.75 -3.98
CA ARG A 153 10.40 -25.22 -5.35
C ARG A 153 10.42 -26.76 -5.28
N VAL A 154 9.38 -27.39 -5.85
CA VAL A 154 9.28 -28.86 -5.85
C VAL A 154 9.19 -29.29 -7.31
N SER A 155 10.19 -30.03 -7.74
CA SER A 155 10.21 -30.55 -9.10
C SER A 155 8.96 -31.31 -9.50
N GLY A 156 8.32 -30.87 -10.57
CA GLY A 156 7.12 -31.54 -11.07
C GLY A 156 5.86 -31.23 -10.32
N SER A 157 5.97 -30.40 -9.28
CA SER A 157 4.81 -30.11 -8.43
C SER A 157 3.97 -28.99 -9.00
N LEU A 158 2.65 -29.17 -8.99
CA LEU A 158 1.77 -28.18 -9.59
C LEU A 158 1.71 -26.98 -8.70
N GLU A 159 1.93 -25.83 -9.31
CA GLU A 159 1.77 -24.55 -8.63
C GLU A 159 0.63 -23.81 -9.29
N LYS A 160 -0.19 -23.15 -8.50
CA LYS A 160 -1.33 -22.42 -9.03
C LYS A 160 -1.17 -20.98 -8.54
N ALA A 161 -0.81 -20.10 -9.46
CA ALA A 161 -0.53 -18.68 -9.21
C ALA A 161 -1.76 -17.89 -9.55
N THR A 162 -2.08 -16.93 -8.71
CA THR A 162 -3.04 -15.87 -8.97
C THR A 162 -2.39 -14.51 -8.72
N ILE A 163 -2.55 -13.61 -9.68
CA ILE A 163 -2.00 -12.27 -9.56
C ILE A 163 -3.14 -11.30 -9.75
N ILE A 164 -3.27 -10.36 -8.83
CA ILE A 164 -4.37 -9.41 -8.96
C ILE A 164 -3.66 -8.09 -9.00
N TYR A 165 -3.98 -7.27 -9.99
CA TYR A 165 -3.62 -5.86 -9.95
C TYR A 165 -4.86 -5.03 -9.69
N ASP A 166 -4.88 -4.34 -8.56
CA ASP A 166 -5.97 -3.44 -8.29
C ASP A 166 -5.59 -1.99 -8.66
N SER A 167 -6.12 -1.48 -9.77
CA SER A 167 -5.83 -0.11 -10.21
C SER A 167 -6.27 0.93 -9.17
N ASP A 168 -7.32 0.65 -8.40
CA ASP A 168 -7.74 1.57 -7.33
C ASP A 168 -6.62 1.96 -6.35
N THR A 169 -5.89 0.99 -5.80
CA THR A 169 -4.85 1.26 -4.79
C THR A 169 -3.44 1.07 -5.39
N LYS A 170 -3.41 0.62 -6.62
CA LYS A 170 -2.18 0.45 -7.37
C LYS A 170 -1.38 -0.71 -6.83
N ILE A 171 -2.03 -1.79 -6.40
CA ILE A 171 -1.29 -2.86 -5.75
C ILE A 171 -1.34 -4.11 -6.62
N LEU A 172 -0.18 -4.66 -6.92
CA LEU A 172 -0.06 -5.97 -7.54
C LEU A 172 0.16 -7.03 -6.44
N THR A 173 -0.69 -8.04 -6.38
CA THR A 173 -0.58 -9.06 -5.35
C THR A 173 -0.56 -10.43 -5.98
N VAL A 174 0.35 -11.25 -5.47
CA VAL A 174 0.45 -12.59 -5.94
C VAL A 174 0.06 -13.58 -4.84
N VAL A 175 -0.71 -14.58 -5.21
CA VAL A 175 -0.76 -15.79 -4.42
C VAL A 175 -0.31 -17.01 -5.23
N MET A 176 0.48 -17.92 -4.63
CA MET A 176 0.75 -19.25 -5.24
C MET A 176 0.39 -20.30 -4.25
N THR A 177 -0.57 -21.11 -4.64
CA THR A 177 -1.07 -22.21 -3.86
C THR A 177 -0.23 -23.40 -4.35
N HIS A 178 0.42 -24.03 -3.39
CA HIS A 178 1.25 -25.16 -3.68
C HIS A 178 0.50 -26.44 -3.45
N GLN A 179 1.03 -27.50 -4.07
CA GLN A 179 0.47 -28.85 -4.04
C GLN A 179 0.23 -29.35 -2.60
N ASN A 180 1.10 -28.96 -1.68
CA ASN A 180 0.95 -29.34 -0.28
C ASN A 180 -0.16 -28.57 0.46
N GLY A 181 -0.91 -27.71 -0.24
CA GLY A 181 -2.01 -27.02 0.41
C GLY A 181 -1.62 -25.75 1.16
N GLN A 182 -0.35 -25.35 1.04
CA GLN A 182 0.17 -24.10 1.56
C GLN A 182 0.04 -23.00 0.47
N ILE A 183 0.09 -21.73 0.85
CA ILE A 183 0.18 -20.65 -0.14
C ILE A 183 1.32 -19.73 0.24
N THR A 184 1.87 -19.05 -0.75
CA THR A 184 2.88 -18.05 -0.58
C THR A 184 2.27 -16.82 -1.22
N THR A 185 2.44 -15.67 -0.60
CA THR A 185 1.93 -14.45 -1.23
C THR A 185 3.04 -13.46 -1.17
N ILE A 186 2.92 -12.50 -2.07
CA ILE A 186 3.80 -11.36 -2.11
C ILE A 186 3.01 -10.26 -2.82
N SER A 187 3.30 -9.02 -2.44
CA SER A 187 2.48 -7.93 -2.86
C SER A 187 3.34 -6.67 -2.98
N GLN A 188 3.01 -5.81 -3.94
CA GLN A 188 3.78 -4.62 -4.18
C GLN A 188 2.93 -3.53 -4.78
N GLU A 189 3.08 -2.34 -4.22
CA GLU A 189 2.49 -1.19 -4.85
C GLU A 189 3.21 -0.86 -6.15
N ILE A 190 2.47 -0.80 -7.26
CA ILE A 190 3.07 -0.44 -8.55
C ILE A 190 2.08 0.41 -9.34
N ASP A 191 2.44 1.63 -9.70
CA ASP A 191 1.63 2.40 -10.63
C ASP A 191 1.99 2.00 -12.06
N LEU A 192 1.14 1.16 -12.69
CA LEU A 192 1.39 0.69 -14.06
C LEU A 192 1.57 1.83 -15.02
N LYS A 193 0.88 2.93 -14.78
CA LYS A 193 0.95 4.08 -15.71
C LYS A 193 2.25 4.85 -15.53
N THR A 194 2.97 4.70 -14.41
CA THR A 194 4.29 5.36 -14.27
C THR A 194 5.36 4.56 -14.98
N VAL A 195 5.24 3.25 -14.94
CA VAL A 195 6.31 2.40 -15.43
C VAL A 195 6.10 1.80 -16.79
N LEU A 196 4.87 1.86 -17.33
CA LEU A 196 4.62 1.15 -18.57
C LEU A 196 3.81 2.04 -19.51
N PRO A 197 3.89 1.77 -20.83
CA PRO A 197 3.07 2.52 -21.77
C PRO A 197 1.66 1.98 -21.78
N GLU A 198 0.81 2.57 -22.62
CA GLU A 198 -0.61 2.34 -22.46
C GLU A 198 -1.07 0.99 -23.05
N LYS A 199 -0.20 0.33 -23.79
CA LYS A 199 -0.51 -0.98 -24.39
C LYS A 199 0.68 -1.84 -23.99
N VAL A 200 0.40 -3.03 -23.49
CA VAL A 200 1.47 -3.93 -23.10
C VAL A 200 1.21 -5.34 -23.62
N SER A 201 2.25 -6.16 -23.64
CA SER A 201 2.02 -7.57 -23.74
C SER A 201 1.82 -8.04 -22.33
N VAL A 202 1.02 -9.10 -22.22
CA VAL A 202 1.01 -9.94 -21.04
C VAL A 202 1.45 -11.28 -21.52
N GLY A 203 2.15 -11.97 -20.64
CA GLY A 203 2.64 -13.28 -20.93
C GLY A 203 3.78 -13.72 -20.04
N PHE A 204 4.56 -14.63 -20.58
CA PHE A 204 5.56 -15.32 -19.79
C PHE A 204 6.89 -15.25 -20.46
N SER A 205 7.93 -15.23 -19.63
CA SER A 205 9.27 -15.37 -20.09
C SER A 205 9.95 -16.39 -19.19
N ALA A 206 10.80 -17.19 -19.80
CA ALA A 206 11.52 -18.23 -19.07
C ALA A 206 12.87 -18.46 -19.67
N THR A 207 13.88 -18.79 -18.86
CA THR A 207 15.20 -19.05 -19.35
C THR A 207 15.77 -20.25 -18.61
N THR A 208 16.75 -20.86 -19.24
CA THR A 208 17.53 -21.94 -18.64
C THR A 208 18.96 -21.60 -19.07
N TRP A 209 19.90 -22.26 -18.44
CA TRP A 209 21.28 -21.89 -18.59
C TRP A 209 22.03 -23.15 -19.09
N ASN A 210 23.30 -23.27 -18.70
CA ASN A 210 24.09 -24.41 -19.07
C ASN A 210 25.27 -24.36 -18.13
N PRO A 211 25.41 -25.37 -17.25
CA PRO A 211 24.57 -26.60 -17.10
C PRO A 211 23.16 -26.46 -16.50
N GLU A 212 22.88 -25.37 -15.78
CA GLU A 212 21.70 -25.30 -14.93
C GLU A 212 20.47 -25.16 -15.83
N ARG A 213 19.39 -25.81 -15.50
CA ARG A 213 18.21 -25.80 -16.38
C ARG A 213 17.10 -26.52 -15.70
N GLU A 214 15.90 -26.29 -16.20
CA GLU A 214 14.72 -26.98 -15.72
C GLU A 214 13.62 -26.80 -16.79
N ARG A 215 12.57 -27.61 -16.73
CA ARG A 215 11.36 -27.33 -17.49
C ARG A 215 10.57 -26.24 -16.76
N HIS A 216 9.85 -25.42 -17.52
CA HIS A 216 8.75 -24.57 -17.00
C HIS A 216 7.59 -24.81 -17.93
N ASP A 217 6.62 -25.56 -17.44
CA ASP A 217 5.51 -26.00 -18.27
C ASP A 217 4.32 -25.47 -17.60
N ILE A 218 3.59 -24.71 -18.40
CA ILE A 218 2.41 -24.02 -18.01
C ILE A 218 1.24 -24.80 -18.58
N TYR A 219 0.26 -25.05 -17.74
CA TYR A 219 -0.85 -25.89 -18.06
C TYR A 219 -2.11 -25.16 -18.45
N SER A 220 -2.27 -23.95 -17.91
CA SER A 220 -3.51 -23.20 -18.03
C SER A 220 -3.23 -21.75 -17.73
N TRP A 221 -4.11 -20.88 -18.19
CA TRP A 221 -3.88 -19.46 -18.00
C TRP A 221 -5.15 -18.72 -18.32
N SER A 222 -5.63 -17.91 -17.39
CA SER A 222 -6.79 -17.08 -17.60
C SER A 222 -6.33 -15.67 -17.22
N PHE A 223 -6.96 -14.69 -17.83
CA PHE A 223 -6.61 -13.32 -17.61
C PHE A 223 -7.84 -12.52 -17.83
N THR A 224 -8.13 -11.61 -16.91
CA THR A 224 -9.23 -10.67 -17.15
C THR A 224 -8.75 -9.32 -16.76
N SER A 225 -8.88 -8.37 -17.68
CA SER A 225 -8.52 -6.99 -17.38
C SER A 225 -9.67 -6.06 -17.74
N THR A 226 -9.77 -4.96 -17.00
CA THR A 226 -10.81 -3.96 -17.28
C THR A 226 -10.21 -2.59 -17.20
N LEU A 227 -10.29 -1.88 -18.31
CA LEU A 227 -9.87 -0.50 -18.27
C LEU A 227 -11.11 0.37 -18.47
N LYS A 228 -11.35 1.31 -17.57
CA LYS A 228 -12.51 2.20 -17.75
C LYS A 228 -12.22 3.31 -18.79
N GLU A 229 -13.20 3.48 -19.68
CA GLU A 229 -13.18 4.47 -20.78
C GLU A 229 -13.69 5.92 -20.49
N PRO A 230 -14.55 6.14 -19.45
CA PRO A 230 -15.06 7.50 -19.17
C PRO A 230 -14.28 8.26 -18.10
N VAL B 1 20.30 7.27 13.75
CA VAL B 1 21.14 8.38 13.18
C VAL B 1 20.31 9.66 13.19
N SER B 2 20.88 10.70 13.76
CA SER B 2 20.20 11.94 13.82
C SER B 2 21.18 13.07 13.52
N PHE B 3 20.73 14.01 12.68
CA PHE B 3 21.49 15.18 12.28
C PHE B 3 20.59 16.29 11.81
N ASN B 4 21.14 17.49 11.78
CA ASN B 4 20.37 18.67 11.48
C ASN B 4 21.34 19.78 11.01
N TYR B 5 21.32 20.03 9.71
CA TYR B 5 22.09 21.12 9.15
C TYR B 5 21.17 22.27 8.83
N THR B 6 21.31 23.38 9.54
CA THR B 6 20.56 24.58 9.20
C THR B 6 21.38 25.35 8.16
N ARG B 7 22.65 25.00 8.06
CA ARG B 7 23.53 25.50 7.04
C ARG B 7 24.63 24.46 7.02
N PHE B 8 25.48 24.55 6.01
CA PHE B 8 26.51 23.58 5.81
C PHE B 8 27.91 24.18 6.00
N LYS B 9 28.66 23.58 6.92
CA LYS B 9 30.03 24.00 7.19
C LYS B 9 31.02 22.92 6.78
N ASP B 10 32.24 23.31 6.50
CA ASP B 10 33.29 22.40 6.17
C ASP B 10 33.80 21.71 7.46
N ASP B 11 32.99 20.82 8.03
CA ASP B 11 33.25 20.27 9.36
C ASP B 11 33.48 18.75 9.35
N GLY B 12 33.72 18.23 8.16
CA GLY B 12 33.93 16.81 7.96
C GLY B 12 32.81 15.86 8.32
N SER B 13 31.60 16.40 8.48
CA SER B 13 30.44 15.57 8.76
C SER B 13 29.85 14.96 7.52
N LEU B 14 30.04 15.58 6.34
CA LEU B 14 29.58 14.99 5.13
C LEU B 14 30.76 14.55 4.28
N ILE B 15 30.45 13.76 3.27
CA ILE B 15 31.39 13.35 2.26
C ILE B 15 30.93 13.95 0.93
N PHE B 16 31.82 14.71 0.34
CA PHE B 16 31.56 15.36 -0.95
C PHE B 16 32.36 14.67 -2.03
N GLN B 17 31.70 14.41 -3.15
CA GLN B 17 32.31 13.69 -4.25
C GLN B 17 31.96 14.51 -5.49
N GLY B 18 32.85 14.49 -6.49
CA GLY B 18 32.65 15.17 -7.73
C GLY B 18 32.53 16.64 -7.43
N ASP B 19 31.49 17.28 -7.94
CA ASP B 19 31.40 18.77 -7.77
C ASP B 19 30.61 19.36 -6.58
N ALA B 20 30.32 18.52 -5.58
CA ALA B 20 29.64 19.02 -4.37
C ALA B 20 30.63 19.85 -3.57
N LYS B 21 30.25 21.08 -3.23
CA LYS B 21 31.05 21.91 -2.30
C LYS B 21 30.15 22.81 -1.49
N ILE B 22 30.67 23.21 -0.34
CA ILE B 22 30.08 24.25 0.49
C ILE B 22 30.29 25.59 -0.22
N TRP B 23 29.20 26.25 -0.59
CA TRP B 23 29.29 27.57 -1.22
C TRP B 23 28.91 28.67 -0.20
N THR B 24 28.69 29.88 -0.69
CA THR B 24 28.53 31.06 0.15
C THR B 24 27.32 30.91 1.07
N ASP B 25 27.50 31.35 2.31
CA ASP B 25 26.46 31.35 3.35
C ASP B 25 26.09 29.93 3.79
N GLY B 26 27.05 28.99 3.72
CA GLY B 26 26.83 27.59 4.09
C GLY B 26 25.77 26.86 3.26
N ARG B 27 25.71 27.21 1.99
CA ARG B 27 24.86 26.51 1.05
C ARG B 27 25.66 25.30 0.49
N LEU B 28 24.98 24.18 0.36
CA LEU B 28 25.55 23.00 -0.28
C LEU B 28 25.28 23.08 -1.79
N ALA B 29 26.32 23.32 -2.56
CA ALA B 29 26.18 23.56 -3.99
C ALA B 29 26.52 22.31 -4.76
N MET B 30 25.55 21.84 -5.52
CA MET B 30 25.71 20.65 -6.30
C MET B 30 25.22 20.91 -7.75
N PRO B 31 26.13 21.31 -8.67
CA PRO B 31 27.57 21.47 -8.61
C PRO B 31 27.95 22.81 -8.07
N THR B 32 29.19 22.90 -7.64
CA THR B 32 29.72 24.17 -7.19
C THR B 32 29.79 25.12 -8.37
N ASP B 33 30.14 24.59 -9.53
CA ASP B 33 30.29 25.42 -10.72
C ASP B 33 29.49 24.84 -11.87
N PRO B 34 28.28 25.34 -12.08
CA PRO B 34 27.43 24.77 -13.12
C PRO B 34 27.89 25.14 -14.54
N LEU B 35 28.96 25.91 -14.67
CA LEU B 35 29.53 26.28 -16.00
C LEU B 35 30.31 25.10 -16.54
N VAL B 36 30.83 24.28 -15.64
CA VAL B 36 31.38 23.02 -16.06
C VAL B 36 30.32 22.13 -16.65
N ASN B 37 30.72 21.54 -17.76
CA ASN B 37 29.84 20.69 -18.50
C ASN B 37 29.79 19.28 -17.87
N ARG B 38 28.58 18.74 -17.73
CA ARG B 38 28.35 17.35 -17.26
C ARG B 38 28.90 17.10 -15.86
N THR B 39 28.39 17.87 -14.91
CA THR B 39 28.81 17.70 -13.55
C THR B 39 28.07 16.58 -12.89
N THR B 40 28.76 15.96 -11.94
CA THR B 40 28.17 15.03 -11.02
C THR B 40 28.72 15.40 -9.66
N SER B 41 27.82 15.40 -8.68
CA SER B 41 28.14 15.78 -7.34
C SER B 41 27.36 14.82 -6.45
N HIS B 42 28.04 14.34 -5.42
CA HIS B 42 27.44 13.60 -4.32
C HIS B 42 27.80 14.33 -3.04
N ALA B 43 26.86 14.33 -2.09
CA ALA B 43 27.05 14.91 -0.75
C ALA B 43 26.37 13.91 0.16
N LEU B 44 27.17 13.12 0.83
CA LEU B 44 26.61 12.05 1.67
C LEU B 44 26.89 12.36 3.12
N TYR B 45 25.99 11.99 4.01
CA TYR B 45 26.30 12.01 5.44
C TYR B 45 27.47 11.05 5.65
N ALA B 46 28.44 11.44 6.48
CA ALA B 46 29.68 10.72 6.49
C ALA B 46 29.73 9.51 7.38
N THR B 47 28.58 9.06 7.89
CA THR B 47 28.46 7.89 8.79
C THR B 47 27.37 7.01 8.15
N PRO B 48 27.58 5.67 8.09
CA PRO B 48 26.53 4.81 7.54
C PRO B 48 25.28 4.89 8.39
N VAL B 49 24.14 4.71 7.75
CA VAL B 49 22.92 4.69 8.45
C VAL B 49 22.49 3.21 8.43
N PRO B 50 22.29 2.61 9.63
CA PRO B 50 21.74 1.28 9.65
C PRO B 50 20.22 1.33 9.39
N ILE B 51 19.80 0.79 8.24
CA ILE B 51 18.41 0.77 7.84
C ILE B 51 17.71 -0.56 8.15
N TRP B 52 18.49 -1.58 8.44
CA TRP B 52 17.89 -2.81 8.93
C TRP B 52 18.93 -3.65 9.63
N ASP B 53 18.42 -4.57 10.42
CA ASP B 53 19.25 -5.31 11.35
C ASP B 53 19.06 -6.82 11.13
N SER B 54 20.16 -7.51 10.77
CA SER B 54 20.17 -8.94 10.40
C SER B 54 19.61 -9.86 11.49
N ALA B 55 20.08 -9.71 12.72
CA ALA B 55 19.62 -10.53 13.84
C ALA B 55 18.09 -10.55 14.00
N THR B 56 17.48 -9.38 14.00
CA THR B 56 16.06 -9.25 14.35
C THR B 56 15.21 -9.10 13.12
N GLY B 57 15.86 -8.72 12.01
CA GLY B 57 15.17 -8.51 10.76
C GLY B 57 14.41 -7.21 10.72
N ASN B 58 14.39 -6.45 11.82
CA ASN B 58 13.78 -5.09 11.84
C ASN B 58 14.39 -4.11 10.82
N VAL B 59 13.54 -3.24 10.28
CA VAL B 59 13.92 -2.19 9.33
C VAL B 59 13.77 -0.83 10.08
N ALA B 60 14.64 0.14 9.80
CA ALA B 60 14.55 1.47 10.41
C ALA B 60 13.38 2.23 9.82
N SER B 61 12.93 3.19 10.59
CA SER B 61 12.12 4.23 10.05
C SER B 61 12.95 5.45 10.02
N PHE B 62 12.59 6.34 9.11
CA PHE B 62 13.29 7.60 9.09
C PHE B 62 12.40 8.71 8.67
N ILE B 63 12.73 9.90 9.15
CA ILE B 63 12.20 11.10 8.61
C ILE B 63 13.37 12.05 8.29
N THR B 64 13.25 12.74 7.17
CA THR B 64 14.27 13.68 6.70
C THR B 64 13.62 14.84 5.98
N SER B 65 14.17 16.04 6.18
CA SER B 65 13.70 17.23 5.46
C SER B 65 14.90 17.99 4.96
N PHE B 66 14.71 18.65 3.85
CA PHE B 66 15.73 19.50 3.33
C PHE B 66 15.05 20.50 2.47
N SER B 67 15.69 21.68 2.36
CA SER B 67 15.16 22.77 1.58
C SER B 67 16.28 23.07 0.57
N PHE B 68 15.90 23.45 -0.63
CA PHE B 68 16.88 23.55 -1.69
C PHE B 68 16.21 24.43 -2.72
N ILE B 69 16.99 24.90 -3.70
CA ILE B 69 16.47 25.75 -4.75
C ILE B 69 17.26 25.26 -5.95
N VAL B 70 16.57 25.10 -7.07
CA VAL B 70 17.29 24.83 -8.32
C VAL B 70 17.16 26.11 -9.15
N SER B 71 18.22 26.46 -9.86
CA SER B 71 18.26 27.76 -10.51
C SER B 71 18.82 27.65 -11.89
N ASN B 72 18.22 28.36 -12.83
CA ASN B 72 18.74 28.30 -14.20
C ASN B 72 20.11 28.95 -14.30
N VAL B 73 20.85 28.56 -15.31
CA VAL B 73 22.01 29.32 -15.74
C VAL B 73 21.54 30.05 -17.01
N GLN B 74 21.71 31.37 -17.03
CA GLN B 74 21.17 32.21 -18.13
C GLN B 74 21.59 31.68 -19.49
N ARG B 75 20.64 31.47 -20.41
CA ARG B 75 20.83 31.07 -21.83
C ARG B 75 20.78 29.55 -21.99
N TYR B 76 20.91 28.85 -20.86
CA TYR B 76 20.93 27.39 -20.88
C TYR B 76 19.64 26.76 -20.42
N PRO B 77 19.21 25.68 -21.10
CA PRO B 77 18.05 24.95 -20.58
C PRO B 77 18.48 24.15 -19.31
N PRO B 78 17.56 23.89 -18.37
CA PRO B 78 17.87 23.30 -17.09
C PRO B 78 18.07 21.79 -17.19
N THR B 79 19.09 21.26 -16.53
CA THR B 79 19.21 19.82 -16.29
C THR B 79 20.20 19.62 -15.17
N ASP B 80 20.27 18.43 -14.58
CA ASP B 80 19.36 17.31 -14.81
C ASP B 80 18.48 17.07 -13.60
N GLY B 81 18.99 17.40 -12.42
CA GLY B 81 18.25 17.14 -11.21
C GLY B 81 19.14 16.93 -9.99
N VAL B 82 18.48 16.88 -8.86
CA VAL B 82 19.08 16.59 -7.61
C VAL B 82 18.16 15.52 -6.99
N VAL B 83 18.78 14.57 -6.30
CA VAL B 83 18.07 13.45 -5.72
C VAL B 83 18.51 13.30 -4.27
N PHE B 84 17.57 12.89 -3.41
CA PHE B 84 17.96 12.32 -2.11
C PHE B 84 18.03 10.83 -2.33
N PHE B 85 19.08 10.16 -1.89
CA PHE B 85 19.17 8.72 -2.15
C PHE B 85 19.84 7.93 -1.05
N LEU B 86 19.50 6.63 -1.01
CA LEU B 86 20.17 5.66 -0.17
C LEU B 86 20.85 4.70 -1.09
N ALA B 87 22.07 4.33 -0.74
CA ALA B 87 22.79 3.38 -1.53
C ALA B 87 23.69 2.58 -0.60
N PRO B 88 24.06 1.34 -1.01
CA PRO B 88 24.95 0.58 -0.11
C PRO B 88 26.09 1.46 0.39
N TRP B 89 26.36 1.36 1.69
CA TRP B 89 27.52 2.06 2.25
C TRP B 89 28.78 1.60 1.55
N GLY B 90 29.56 2.55 1.03
CA GLY B 90 30.71 2.25 0.21
C GLY B 90 30.52 2.50 -1.26
N THR B 91 29.25 2.69 -1.66
CA THR B 91 28.82 3.23 -3.00
C THR B 91 29.71 4.36 -3.47
N GLU B 92 29.96 4.41 -4.78
CA GLU B 92 30.72 5.49 -5.40
C GLU B 92 29.88 6.04 -6.57
N ILE B 93 30.17 7.25 -7.03
CA ILE B 93 29.42 7.71 -8.22
C ILE B 93 29.60 6.58 -9.28
N PRO B 94 28.48 6.04 -9.82
CA PRO B 94 28.65 4.98 -10.82
C PRO B 94 29.27 5.46 -12.11
N PRO B 95 29.92 4.54 -12.85
CA PRO B 95 30.34 4.91 -14.19
C PRO B 95 29.09 5.12 -15.03
N ASN B 96 29.21 5.92 -16.09
CA ASN B 96 28.11 6.11 -17.06
C ASN B 96 26.87 6.68 -16.38
N SER B 97 27.08 7.55 -15.37
CA SER B 97 25.97 8.06 -14.53
C SER B 97 25.74 9.56 -14.72
N GLN B 98 26.35 10.13 -15.74
CA GLN B 98 26.15 11.54 -16.07
C GLN B 98 24.75 11.91 -16.55
N GLY B 99 24.43 13.19 -16.43
CA GLY B 99 23.23 13.75 -16.97
C GLY B 99 21.95 13.13 -16.42
N GLY B 100 21.14 12.56 -17.33
CA GLY B 100 19.79 12.11 -16.99
C GLY B 100 19.78 10.93 -16.00
N TYR B 101 20.95 10.32 -15.84
CA TYR B 101 21.15 9.22 -14.95
C TYR B 101 21.50 9.65 -13.52
N LEU B 102 21.63 10.98 -13.34
CA LEU B 102 21.55 11.63 -12.03
C LEU B 102 22.64 11.19 -11.02
N GLY B 103 23.73 10.65 -11.57
CA GLY B 103 24.89 10.21 -10.73
C GLY B 103 24.51 9.04 -9.84
N ILE B 104 23.42 8.35 -10.18
CA ILE B 104 22.95 7.22 -9.34
C ILE B 104 22.82 5.92 -10.12
N THR B 105 22.66 6.08 -11.42
CA THR B 105 22.49 4.97 -12.33
C THR B 105 23.64 4.92 -13.33
N ASP B 106 24.27 3.76 -13.41
CA ASP B 106 25.14 3.37 -14.52
C ASP B 106 24.26 3.00 -15.71
N SER B 107 24.26 3.86 -16.71
CA SER B 107 23.36 3.69 -17.84
C SER B 107 23.70 2.41 -18.62
N SER B 108 24.89 1.84 -18.39
CA SER B 108 25.31 0.61 -19.08
C SER B 108 25.12 -0.68 -18.27
N ASN B 109 24.30 -0.62 -17.23
CA ASN B 109 24.14 -1.71 -16.27
C ASN B 109 22.62 -1.73 -16.02
N SER B 110 21.94 -2.87 -15.95
CA SER B 110 21.89 -3.79 -14.89
C SER B 110 21.20 -3.24 -13.77
N GLN B 111 21.89 -3.00 -12.70
CA GLN B 111 22.34 -3.92 -11.69
C GLN B 111 22.34 -2.86 -10.55
N ASN B 112 22.01 -1.63 -10.93
CA ASN B 112 21.96 -0.43 -10.07
C ASN B 112 21.13 -0.56 -8.81
N GLN B 113 21.77 -0.34 -7.65
CA GLN B 113 21.19 -0.55 -6.34
C GLN B 113 21.03 0.70 -5.48
N PHE B 114 19.82 1.20 -5.37
CA PHE B 114 19.62 2.44 -4.66
C PHE B 114 18.15 2.69 -4.54
N VAL B 115 17.82 3.59 -3.61
CA VAL B 115 16.49 4.13 -3.49
C VAL B 115 16.68 5.63 -3.57
N ALA B 116 15.92 6.30 -4.42
CA ALA B 116 16.02 7.74 -4.54
C ALA B 116 14.72 8.47 -4.64
N VAL B 117 14.72 9.71 -4.15
CA VAL B 117 13.66 10.64 -4.45
C VAL B 117 14.31 11.70 -5.35
N GLU B 118 13.89 11.77 -6.61
CA GLU B 118 14.55 12.66 -7.55
C GLU B 118 13.75 13.89 -7.76
N PHE B 119 14.48 14.96 -8.01
CA PHE B 119 13.85 16.20 -8.37
C PHE B 119 14.40 16.45 -9.73
N ASP B 120 13.62 16.05 -10.74
CA ASP B 120 14.15 15.89 -12.05
C ASP B 120 13.72 17.08 -12.91
N SER B 121 14.68 17.86 -13.39
CA SER B 121 14.43 19.07 -14.17
C SER B 121 14.47 18.90 -15.69
N HIS B 122 14.85 17.72 -16.17
CA HIS B 122 15.04 17.59 -17.59
C HIS B 122 14.37 16.34 -18.09
N PRO B 123 13.26 16.51 -18.84
CA PRO B 123 12.49 15.34 -19.33
C PRO B 123 13.24 14.49 -20.36
N ASN B 124 13.74 13.35 -19.90
CA ASN B 124 14.35 12.37 -20.76
C ASN B 124 13.32 11.49 -21.39
N VAL B 125 13.76 10.67 -22.33
CA VAL B 125 12.86 9.79 -23.06
C VAL B 125 12.18 8.79 -22.19
N TRP B 126 12.84 8.46 -21.08
CA TRP B 126 12.36 7.49 -20.11
C TRP B 126 11.64 8.15 -18.94
N ASP B 127 11.57 9.48 -18.98
CA ASP B 127 10.83 10.25 -17.99
C ASP B 127 9.31 10.19 -18.07
N PRO B 128 8.63 10.60 -16.98
CA PRO B 128 7.18 10.38 -16.98
C PRO B 128 6.46 11.00 -18.19
N LYS B 129 5.71 10.09 -18.83
CA LYS B 129 5.30 10.18 -20.20
C LYS B 129 4.00 10.78 -20.03
N SER B 130 3.96 11.53 -18.95
CA SER B 130 2.81 12.21 -18.63
C SER B 130 3.28 13.33 -19.52
N LEU B 131 2.58 14.44 -19.71
CA LEU B 131 3.43 15.49 -20.15
C LEU B 131 3.81 15.88 -18.79
N ARG B 132 4.99 15.44 -18.39
CA ARG B 132 5.70 16.18 -17.37
C ARG B 132 6.88 16.69 -18.05
N SER B 133 7.25 17.90 -17.68
CA SER B 133 8.61 18.32 -17.89
C SER B 133 9.27 17.91 -16.54
N SER B 134 9.53 18.85 -15.64
CA SER B 134 10.10 18.54 -14.31
C SER B 134 9.15 17.69 -13.48
N HIS B 135 9.71 16.84 -12.63
CA HIS B 135 8.89 15.93 -11.85
C HIS B 135 9.69 15.47 -10.66
N ILE B 136 8.95 14.99 -9.67
CA ILE B 136 9.48 14.47 -8.44
C ILE B 136 9.13 13.01 -8.49
N GLY B 137 10.15 12.18 -8.51
CA GLY B 137 9.93 10.75 -8.61
C GLY B 137 10.58 9.97 -7.50
N ILE B 138 10.05 8.78 -7.30
CA ILE B 138 10.64 7.77 -6.46
C ILE B 138 11.17 6.66 -7.32
N ASP B 139 12.44 6.37 -7.12
CA ASP B 139 13.24 5.51 -7.96
C ASP B 139 13.71 4.38 -7.10
N VAL B 140 13.53 3.16 -7.56
CA VAL B 140 14.20 2.02 -6.89
C VAL B 140 14.88 1.22 -7.92
N ASN B 141 16.22 1.29 -7.93
CA ASN B 141 17.06 0.43 -8.81
C ASN B 141 16.87 0.68 -10.31
N SER B 142 16.16 1.75 -10.65
CA SER B 142 15.91 2.17 -12.00
C SER B 142 15.80 3.73 -12.07
N ILE B 143 16.36 4.30 -13.14
CA ILE B 143 16.13 5.71 -13.57
C ILE B 143 14.66 6.02 -13.97
N MET B 144 13.91 4.96 -14.20
CA MET B 144 12.54 5.08 -14.54
C MET B 144 11.76 4.95 -13.24
N SER B 145 11.25 6.10 -12.77
CA SER B 145 10.58 6.22 -11.48
C SER B 145 9.45 5.23 -11.36
N LEU B 146 9.40 4.57 -10.21
CA LEU B 146 8.30 3.71 -9.91
C LEU B 146 7.04 4.52 -9.74
N LYS B 147 7.19 5.75 -9.21
CA LYS B 147 6.12 6.72 -9.19
C LYS B 147 6.65 8.12 -9.35
N ALA B 148 5.81 8.98 -9.91
CA ALA B 148 6.21 10.34 -10.12
C ALA B 148 5.03 11.28 -10.07
N VAL B 149 5.32 12.49 -9.65
CA VAL B 149 4.34 13.55 -9.76
C VAL B 149 5.00 14.72 -10.45
N ASN B 150 4.21 15.59 -11.03
CA ASN B 150 4.93 16.60 -11.71
C ASN B 150 5.31 17.79 -10.85
N TRP B 151 6.36 18.46 -11.29
CA TRP B 151 6.97 19.50 -10.49
C TRP B 151 6.97 20.77 -11.27
N ASN B 152 6.35 21.78 -10.70
CA ASN B 152 6.39 23.13 -11.20
C ASN B 152 7.73 23.72 -10.76
N ARG B 153 8.75 23.39 -11.54
CA ARG B 153 10.09 23.79 -11.23
C ARG B 153 10.19 25.27 -11.50
N VAL B 154 10.62 26.02 -10.50
CA VAL B 154 10.73 27.44 -10.70
C VAL B 154 12.15 27.78 -10.35
N SER B 155 12.87 28.39 -11.29
CA SER B 155 14.24 28.80 -11.02
C SER B 155 14.35 29.62 -9.75
N GLY B 156 15.20 29.16 -8.84
CA GLY B 156 15.55 29.99 -7.72
C GLY B 156 14.55 29.85 -6.59
N SER B 157 13.47 29.11 -6.79
CA SER B 157 12.39 29.06 -5.82
C SER B 157 12.68 28.00 -4.74
N LEU B 158 12.55 28.40 -3.47
CA LEU B 158 12.69 27.49 -2.36
C LEU B 158 11.70 26.30 -2.43
N GLU B 159 12.24 25.11 -2.25
CA GLU B 159 11.48 23.89 -2.12
C GLU B 159 11.79 23.25 -0.78
N LYS B 160 10.74 22.79 -0.11
CA LYS B 160 10.85 22.20 1.21
C LYS B 160 10.38 20.77 1.18
N ALA B 161 11.31 19.84 1.23
CA ALA B 161 10.98 18.43 1.11
C ALA B 161 10.94 17.77 2.47
N THR B 162 9.97 16.89 2.65
CA THR B 162 9.91 16.01 3.81
C THR B 162 9.69 14.60 3.30
N ILE B 163 10.54 13.69 3.77
CA ILE B 163 10.45 12.32 3.37
C ILE B 163 10.38 11.49 4.65
N ILE B 164 9.36 10.64 4.69
CA ILE B 164 9.21 9.70 5.77
C ILE B 164 9.33 8.34 5.19
N TYR B 165 10.19 7.53 5.81
CA TYR B 165 10.15 6.11 5.60
C TYR B 165 9.48 5.44 6.81
N ASP B 166 8.33 4.81 6.56
CA ASP B 166 7.69 4.07 7.62
C ASP B 166 8.02 2.59 7.53
N SER B 167 8.86 2.07 8.42
CA SER B 167 9.23 0.66 8.43
C SER B 167 8.07 -0.30 8.70
N ASP B 168 7.01 0.17 9.35
CA ASP B 168 5.81 -0.67 9.64
C ASP B 168 5.20 -1.14 8.31
N THR B 169 4.70 -0.21 7.51
CA THR B 169 4.11 -0.54 6.18
C THR B 169 5.14 -0.61 5.06
N LYS B 170 6.36 -0.13 5.28
CA LYS B 170 7.41 -0.20 4.28
C LYS B 170 7.15 0.86 3.18
N ILE B 171 6.74 2.06 3.58
CA ILE B 171 6.33 3.05 2.64
C ILE B 171 7.28 4.24 2.76
N LEU B 172 7.77 4.68 1.61
CA LEU B 172 8.50 5.93 1.45
C LEU B 172 7.55 7.02 0.90
N THR B 173 7.33 8.07 1.68
CA THR B 173 6.43 9.13 1.30
C THR B 173 7.12 10.48 1.26
N VAL B 174 6.85 11.22 0.21
CA VAL B 174 7.48 12.48 -0.03
C VAL B 174 6.40 13.53 -0.05
N VAL B 175 6.65 14.57 0.69
CA VAL B 175 5.94 15.80 0.50
C VAL B 175 6.95 16.92 0.17
N MET B 176 6.50 17.82 -0.67
CA MET B 176 7.27 18.93 -1.10
C MET B 176 6.39 20.15 -1.10
N THR B 177 6.72 21.06 -0.20
CA THR B 177 6.00 22.30 -0.10
C THR B 177 6.75 23.36 -0.91
N HIS B 178 5.99 24.01 -1.78
CA HIS B 178 6.49 24.96 -2.73
C HIS B 178 6.41 26.33 -2.16
N GLN B 179 7.14 27.25 -2.79
CA GLN B 179 7.21 28.64 -2.31
C GLN B 179 5.80 29.27 -2.29
N ASN B 180 4.98 28.93 -3.28
CA ASN B 180 3.56 29.28 -3.33
C ASN B 180 2.68 28.63 -2.24
N GLY B 181 3.28 27.82 -1.38
CA GLY B 181 2.53 27.16 -0.30
C GLY B 181 1.68 25.96 -0.64
N GLN B 182 1.63 25.57 -1.91
CA GLN B 182 1.05 24.28 -2.28
C GLN B 182 1.99 23.12 -1.92
N ILE B 183 1.45 21.92 -1.77
CA ILE B 183 2.29 20.74 -1.63
C ILE B 183 2.06 19.74 -2.73
N THR B 184 3.14 19.03 -3.00
CA THR B 184 3.18 17.90 -3.93
C THR B 184 3.60 16.68 -3.13
N THR B 185 2.93 15.56 -3.37
CA THR B 185 3.28 14.37 -2.66
C THR B 185 3.40 13.22 -3.61
N ILE B 186 4.19 12.27 -3.18
CA ILE B 186 4.32 11.02 -3.90
C ILE B 186 4.86 9.97 -2.93
N SER B 187 4.44 8.72 -3.08
CA SER B 187 4.83 7.66 -2.17
C SER B 187 5.08 6.42 -2.95
N GLN B 188 5.80 5.53 -2.30
CA GLN B 188 6.11 4.22 -2.87
C GLN B 188 6.34 3.28 -1.73
N GLU B 189 5.67 2.13 -1.78
CA GLU B 189 6.04 0.98 -0.96
C GLU B 189 7.38 0.38 -1.41
N ILE B 190 8.34 0.38 -0.50
CA ILE B 190 9.63 -0.20 -0.75
C ILE B 190 10.09 -0.78 0.56
N ASP B 191 10.30 -2.07 0.60
CA ASP B 191 10.90 -2.63 1.76
C ASP B 191 12.43 -2.57 1.56
N LEU B 192 13.06 -1.68 2.36
CA LEU B 192 14.45 -1.37 2.23
C LEU B 192 15.25 -2.63 2.39
N LYS B 193 14.71 -3.58 3.16
CA LYS B 193 15.40 -4.81 3.48
C LYS B 193 15.51 -5.71 2.26
N THR B 194 14.60 -5.53 1.32
CA THR B 194 14.68 -6.34 0.09
C THR B 194 15.61 -5.78 -0.95
N VAL B 195 15.92 -4.48 -0.86
CA VAL B 195 16.64 -3.78 -1.96
C VAL B 195 18.00 -3.22 -1.58
N LEU B 196 18.24 -3.04 -0.29
CA LEU B 196 19.50 -2.48 0.19
C LEU B 196 20.12 -3.28 1.33
N PRO B 197 21.45 -3.22 1.49
CA PRO B 197 22.08 -3.92 2.59
C PRO B 197 21.81 -3.17 3.90
N GLU B 198 22.31 -3.74 5.00
CA GLU B 198 22.07 -3.18 6.35
C GLU B 198 22.44 -1.74 6.56
N LYS B 199 23.56 -1.36 5.96
CA LYS B 199 24.15 -0.05 6.15
C LYS B 199 24.22 0.61 4.81
N VAL B 200 23.79 1.86 4.80
CA VAL B 200 23.65 2.67 3.62
C VAL B 200 24.19 4.04 3.89
N SER B 201 24.52 4.73 2.78
CA SER B 201 24.65 6.17 2.81
C SER B 201 23.26 6.81 2.68
N VAL B 202 23.14 8.01 3.22
CA VAL B 202 21.99 8.86 2.90
C VAL B 202 22.63 10.17 2.45
N GLY B 203 22.02 10.81 1.48
CA GLY B 203 22.59 12.03 0.97
C GLY B 203 22.02 12.33 -0.39
N PHE B 204 22.82 13.04 -1.18
CA PHE B 204 22.32 13.68 -2.39
C PHE B 204 23.26 13.42 -3.52
N SER B 205 22.68 13.33 -4.70
CA SER B 205 23.43 13.30 -5.92
C SER B 205 22.76 14.29 -6.84
N ALA B 206 23.57 14.95 -7.65
CA ALA B 206 23.00 15.89 -8.59
C ALA B 206 23.86 15.90 -9.83
N THR B 207 23.22 16.08 -10.99
CA THR B 207 23.93 16.18 -12.24
C THR B 207 23.48 17.36 -13.07
N THR B 208 24.36 17.69 -14.02
CA THR B 208 24.08 18.60 -15.10
C THR B 208 24.62 17.94 -16.39
N TRP B 209 24.44 18.61 -17.50
CA TRP B 209 24.77 18.03 -18.76
C TRP B 209 25.55 19.09 -19.53
N ASN B 210 25.34 19.11 -20.83
CA ASN B 210 25.95 20.08 -21.72
C ASN B 210 25.18 20.00 -23.02
N PRO B 211 24.49 21.08 -23.39
CA PRO B 211 24.53 22.41 -22.72
C PRO B 211 23.58 22.63 -21.53
N GLU B 212 22.75 21.63 -21.22
CA GLU B 212 21.75 21.79 -20.20
C GLU B 212 22.47 21.79 -18.85
N ARG B 213 21.99 22.64 -17.94
CA ARG B 213 22.62 22.75 -16.63
C ARG B 213 21.72 23.58 -15.75
N GLU B 214 21.97 23.51 -14.43
CA GLU B 214 21.31 24.34 -13.48
C GLU B 214 22.13 24.11 -12.17
N ARG B 215 21.97 25.05 -11.25
CA ARG B 215 22.38 24.89 -9.87
C ARG B 215 21.39 24.02 -9.08
N HIS B 216 21.91 23.22 -8.18
CA HIS B 216 21.08 22.52 -7.20
C HIS B 216 21.71 22.92 -5.88
N ASP B 217 21.10 23.91 -5.26
CA ASP B 217 21.60 24.46 -3.99
C ASP B 217 20.84 24.01 -2.75
N ILE B 218 21.51 23.32 -1.85
CA ILE B 218 20.81 22.83 -0.63
C ILE B 218 21.15 23.69 0.56
N TYR B 219 20.09 24.12 1.26
CA TYR B 219 20.20 25.13 2.30
C TYR B 219 20.17 24.51 3.66
N SER B 220 19.46 23.39 3.75
CA SER B 220 19.19 22.73 5.03
C SER B 220 18.85 21.29 4.85
N TRP B 221 19.14 20.53 5.90
CA TRP B 221 18.92 19.12 5.87
C TRP B 221 18.93 18.55 7.26
N SER B 222 17.80 17.98 7.66
CA SER B 222 17.77 17.21 8.90
C SER B 222 17.33 15.79 8.61
N PHE B 223 17.67 14.91 9.53
CA PHE B 223 17.47 13.49 9.34
C PHE B 223 17.41 12.83 10.69
N THR B 224 16.45 11.94 10.81
CA THR B 224 16.31 11.12 11.97
C THR B 224 15.90 9.74 11.55
N SER B 225 16.72 8.77 11.87
CA SER B 225 16.36 7.36 11.66
C SER B 225 16.41 6.69 12.99
N THR B 226 15.62 5.63 13.14
CA THR B 226 15.60 4.82 14.38
C THR B 226 15.46 3.38 13.92
N LEU B 227 16.34 2.51 14.41
CA LEU B 227 16.29 1.10 14.07
C LEU B 227 16.10 0.32 15.35
N LYS B 228 14.99 -0.38 15.47
CA LYS B 228 14.78 -1.31 16.59
C LYS B 228 15.79 -2.47 16.54
N GLU B 229 16.72 -2.44 17.49
CA GLU B 229 17.73 -3.51 17.72
C GLU B 229 17.24 -4.69 18.61
N PRO B 230 16.07 -4.52 19.26
CA PRO B 230 15.31 -5.71 19.66
C PRO B 230 14.09 -5.92 18.75
N VAL C 1 -5.60 24.48 1.52
CA VAL C 1 -5.75 25.27 2.76
C VAL C 1 -4.38 25.29 3.46
N SER C 2 -3.96 26.43 4.00
CA SER C 2 -2.66 26.54 4.58
C SER C 2 -2.74 27.42 5.82
N PHE C 3 -2.26 26.90 6.95
CA PHE C 3 -2.22 27.67 8.16
C PHE C 3 -1.02 27.18 8.93
N ASN C 4 -0.54 28.04 9.84
CA ASN C 4 0.57 27.72 10.70
C ASN C 4 0.43 28.47 12.04
N TYR C 5 0.17 27.70 13.09
CA TYR C 5 0.09 28.21 14.46
C TYR C 5 1.42 27.94 15.09
N THR C 6 2.21 28.97 15.35
CA THR C 6 3.45 28.80 16.12
C THR C 6 3.12 28.89 17.59
N ARG C 7 2.01 29.56 17.87
CA ARG C 7 1.30 29.48 19.14
C ARG C 7 -0.17 29.69 18.88
N PHE C 8 -0.99 29.44 19.90
CA PHE C 8 -2.43 29.56 19.69
C PHE C 8 -3.05 30.80 20.32
N LYS C 9 -3.87 31.49 19.54
CA LYS C 9 -4.55 32.67 20.02
C LYS C 9 -6.00 32.37 19.80
N ASP C 10 -6.85 32.89 20.67
CA ASP C 10 -8.27 32.73 20.43
C ASP C 10 -8.69 33.82 19.46
N ASP C 11 -8.43 33.60 18.18
CA ASP C 11 -8.67 34.60 17.16
C ASP C 11 -9.74 34.23 16.17
N GLY C 12 -10.68 33.38 16.56
CA GLY C 12 -11.73 32.97 15.66
C GLY C 12 -11.36 31.96 14.58
N SER C 13 -10.07 31.67 14.44
CA SER C 13 -9.60 30.69 13.46
C SER C 13 -9.79 29.23 13.88
N LEU C 14 -9.92 28.97 15.18
CA LEU C 14 -10.21 27.59 15.60
C LEU C 14 -11.56 27.53 16.29
N ILE C 15 -12.18 26.36 16.25
CA ILE C 15 -13.43 26.11 16.96
C ILE C 15 -13.04 25.25 18.14
N PHE C 16 -13.36 25.70 19.35
CA PHE C 16 -13.09 24.90 20.57
C PHE C 16 -14.41 24.34 21.04
N GLN C 17 -14.44 23.02 21.27
CA GLN C 17 -15.59 22.35 21.85
C GLN C 17 -15.18 21.66 23.18
N GLY C 18 -16.13 21.57 24.10
CA GLY C 18 -15.90 20.88 25.37
C GLY C 18 -14.84 21.57 26.18
N ASP C 19 -13.85 20.82 26.64
CA ASP C 19 -12.84 21.37 27.54
C ASP C 19 -11.59 21.99 26.86
N ALA C 20 -11.62 22.21 25.55
CA ALA C 20 -10.43 22.74 24.85
C ALA C 20 -10.37 24.23 25.19
N LYS C 21 -9.20 24.70 25.58
CA LYS C 21 -9.03 26.12 25.88
C LYS C 21 -7.63 26.53 25.52
N ILE C 22 -7.43 27.80 25.15
CA ILE C 22 -6.08 28.34 25.13
C ILE C 22 -5.70 28.54 26.60
N TRP C 23 -4.52 28.07 26.95
CA TRP C 23 -4.10 28.12 28.33
C TRP C 23 -2.83 28.95 28.24
N THR C 24 -2.07 29.09 29.32
CA THR C 24 -0.94 30.02 29.33
C THR C 24 -0.04 29.92 28.15
N ASP C 25 0.33 31.09 27.63
CA ASP C 25 1.44 31.20 26.68
C ASP C 25 1.11 30.59 25.30
N GLY C 26 -0.16 30.71 24.90
CA GLY C 26 -0.65 30.28 23.56
C GLY C 26 -0.53 28.77 23.28
N ARG C 27 -0.59 28.00 24.36
CA ARG C 27 -0.69 26.54 24.37
C ARG C 27 -2.16 26.20 24.18
N LEU C 28 -2.45 25.28 23.27
CA LEU C 28 -3.78 24.73 23.10
C LEU C 28 -3.93 23.55 24.10
N ALA C 29 -4.74 23.77 25.14
CA ALA C 29 -4.89 22.81 26.26
C ALA C 29 -6.14 21.92 26.08
N MET C 30 -5.93 20.60 26.05
CA MET C 30 -7.04 19.71 25.81
C MET C 30 -6.98 18.52 26.82
N PRO C 31 -7.58 18.67 28.01
CA PRO C 31 -8.38 19.79 28.50
C PRO C 31 -7.58 20.90 29.16
N THR C 32 -8.25 22.02 29.37
CA THR C 32 -7.72 23.13 30.11
C THR C 32 -7.39 22.70 31.53
N ASP C 33 -8.29 21.91 32.13
CA ASP C 33 -8.20 21.54 33.52
C ASP C 33 -8.61 20.08 33.74
N PRO C 34 -7.63 19.18 33.71
CA PRO C 34 -7.83 17.73 33.93
C PRO C 34 -8.35 17.35 35.32
N LEU C 35 -8.33 18.27 36.28
CA LEU C 35 -8.86 18.03 37.61
C LEU C 35 -10.39 17.97 37.64
N VAL C 36 -10.98 18.45 36.55
CA VAL C 36 -12.42 18.60 36.40
C VAL C 36 -13.25 17.27 36.49
N ASN C 37 -12.60 16.16 36.12
CA ASN C 37 -13.24 14.85 35.94
C ASN C 37 -13.02 14.59 34.48
N ARG C 38 -13.92 13.79 33.90
CA ARG C 38 -13.86 13.21 32.56
C ARG C 38 -13.99 14.36 31.54
N THR C 39 -12.98 14.61 30.74
CA THR C 39 -13.07 15.78 29.88
C THR C 39 -13.10 15.27 28.47
N THR C 40 -13.76 16.01 27.58
CA THR C 40 -13.69 15.74 26.16
C THR C 40 -13.41 17.12 25.54
N SER C 41 -12.45 17.20 24.64
CA SER C 41 -12.04 18.52 24.12
C SER C 41 -11.89 18.33 22.61
N HIS C 42 -12.47 19.23 21.81
CA HIS C 42 -12.24 19.31 20.36
C HIS C 42 -11.66 20.67 20.08
N ALA C 43 -10.66 20.70 19.21
CA ALA C 43 -10.14 21.98 18.70
C ALA C 43 -10.02 21.78 17.20
N LEU C 44 -10.85 22.50 16.45
CA LEU C 44 -10.90 22.23 15.02
C LEU C 44 -10.55 23.47 14.25
N TYR C 45 -9.86 23.31 13.13
CA TYR C 45 -9.74 24.44 12.22
C TYR C 45 -11.14 24.90 11.80
N ALA C 46 -11.33 26.21 11.74
CA ALA C 46 -12.69 26.73 11.80
C ALA C 46 -13.30 26.83 10.43
N THR C 47 -12.52 26.44 9.43
CA THR C 47 -12.98 26.39 8.05
C THR C 47 -12.92 24.97 7.50
N PRO C 48 -13.96 24.54 6.77
CA PRO C 48 -13.97 23.16 6.26
C PRO C 48 -12.81 22.97 5.28
N VAL C 49 -12.15 21.81 5.32
CA VAL C 49 -10.99 21.59 4.46
C VAL C 49 -11.46 20.72 3.33
N PRO C 50 -11.30 21.20 2.07
CA PRO C 50 -11.66 20.35 0.92
C PRO C 50 -10.64 19.24 0.72
N ILE C 51 -11.08 18.01 0.89
CA ILE C 51 -10.21 16.89 0.75
C ILE C 51 -10.36 16.14 -0.57
N TRP C 52 -11.48 16.29 -1.25
CA TRP C 52 -11.59 15.85 -2.63
C TRP C 52 -12.65 16.68 -3.33
N ASP C 53 -12.66 16.60 -4.65
CA ASP C 53 -13.48 17.47 -5.46
C ASP C 53 -14.32 16.54 -6.33
N SER C 54 -15.65 16.58 -6.16
CA SER C 54 -16.53 15.63 -6.89
C SER C 54 -16.49 15.81 -8.42
N ALA C 55 -16.34 17.05 -8.88
CA ALA C 55 -16.32 17.35 -10.31
C ALA C 55 -15.17 16.64 -11.03
N THR C 56 -13.97 16.81 -10.49
CA THR C 56 -12.75 16.30 -11.12
C THR C 56 -12.46 14.90 -10.63
N GLY C 57 -12.95 14.55 -9.44
CA GLY C 57 -12.55 13.31 -8.79
C GLY C 57 -11.19 13.43 -8.10
N ASN C 58 -10.56 14.60 -8.16
CA ASN C 58 -9.25 14.81 -7.51
C ASN C 58 -9.35 14.74 -5.99
N VAL C 59 -8.29 14.20 -5.36
CA VAL C 59 -8.17 14.12 -3.90
C VAL C 59 -6.99 14.99 -3.43
N ALA C 60 -7.15 15.68 -2.30
CA ALA C 60 -6.11 16.49 -1.69
C ALA C 60 -4.96 15.65 -1.18
N SER C 61 -3.76 16.22 -1.26
CA SER C 61 -2.65 15.71 -0.45
C SER C 61 -2.54 16.68 0.67
N PHE C 62 -1.96 16.25 1.79
CA PHE C 62 -1.58 17.23 2.76
C PHE C 62 -0.39 16.88 3.54
N ILE C 63 0.15 17.93 4.12
CA ILE C 63 1.15 17.76 5.14
C ILE C 63 0.75 18.62 6.34
N THR C 64 0.87 18.00 7.51
CA THR C 64 0.57 18.67 8.74
C THR C 64 1.61 18.26 9.80
N SER C 65 1.98 19.23 10.62
CA SER C 65 2.90 18.96 11.71
C SER C 65 2.35 19.60 12.94
N PHE C 66 2.55 18.93 14.05
CA PHE C 66 2.18 19.56 15.34
C PHE C 66 3.12 19.08 16.39
N SER C 67 3.31 19.97 17.35
CA SER C 67 4.14 19.59 18.47
C SER C 67 3.29 19.63 19.73
N PHE C 68 3.50 18.68 20.62
CA PHE C 68 2.65 18.64 21.79
C PHE C 68 3.39 17.95 22.92
N ILE C 69 2.80 17.99 24.10
CA ILE C 69 3.31 17.23 25.23
C ILE C 69 2.10 16.68 25.99
N VAL C 70 2.20 15.43 26.46
CA VAL C 70 1.21 14.94 27.41
C VAL C 70 1.86 14.81 28.78
N SER C 71 1.13 15.25 29.79
CA SER C 71 1.67 15.26 31.15
C SER C 71 0.74 14.60 32.15
N ASN C 72 1.37 13.83 33.03
CA ASN C 72 0.75 13.34 34.23
C ASN C 72 0.20 14.47 35.07
N VAL C 73 -0.91 14.16 35.69
CA VAL C 73 -1.49 14.94 36.75
C VAL C 73 -2.23 13.77 37.32
N GLN C 74 -2.06 13.51 38.59
CA GLN C 74 -1.26 14.29 39.55
C GLN C 74 -0.35 13.16 39.98
N ARG C 75 -0.91 12.32 40.82
CA ARG C 75 -0.52 10.91 40.92
C ARG C 75 -1.56 10.05 40.20
N TYR C 76 -2.43 10.66 39.42
CA TYR C 76 -3.47 9.86 38.71
C TYR C 76 -2.85 9.06 37.58
N PRO C 77 -3.44 7.89 37.22
CA PRO C 77 -2.88 7.14 36.07
C PRO C 77 -3.25 7.89 34.77
N PRO C 78 -2.45 7.74 33.70
CA PRO C 78 -2.71 8.52 32.49
C PRO C 78 -3.82 7.99 31.57
N THR C 79 -4.63 8.91 31.08
CA THR C 79 -5.67 8.61 30.07
C THR C 79 -6.13 9.95 29.50
N ASP C 80 -6.74 9.94 28.31
CA ASP C 80 -6.87 8.75 27.46
C ASP C 80 -6.07 8.94 26.20
N GLY C 81 -5.98 10.15 25.71
CA GLY C 81 -5.17 10.41 24.55
C GLY C 81 -5.62 11.65 23.85
N VAL C 82 -4.88 12.00 22.82
CA VAL C 82 -5.18 13.15 21.98
C VAL C 82 -5.03 12.62 20.58
N VAL C 83 -5.95 13.01 19.72
CA VAL C 83 -5.89 12.55 18.33
C VAL C 83 -5.93 13.76 17.39
N PHE C 84 -5.36 13.60 16.21
CA PHE C 84 -5.58 14.52 15.11
C PHE C 84 -6.57 13.78 14.26
N PHE C 85 -7.58 14.47 13.73
CA PHE C 85 -8.63 13.74 13.02
C PHE C 85 -9.28 14.55 11.95
N LEU C 86 -9.77 13.84 10.94
CA LEU C 86 -10.64 14.43 9.93
C LEU C 86 -12.01 13.75 10.09
N ALA C 87 -13.06 14.56 10.01
CA ALA C 87 -14.42 14.07 10.07
C ALA C 87 -15.32 14.96 9.22
N PRO C 88 -16.48 14.43 8.79
CA PRO C 88 -17.41 15.21 8.00
C PRO C 88 -17.71 16.53 8.68
N TRP C 89 -17.80 17.58 7.89
CA TRP C 89 -18.22 18.86 8.42
C TRP C 89 -19.63 18.74 8.98
N GLY C 90 -19.85 19.39 10.12
CA GLY C 90 -21.04 19.11 10.92
C GLY C 90 -20.75 18.22 12.11
N THR C 91 -19.53 17.63 12.15
CA THR C 91 -18.96 16.88 13.34
C THR C 91 -19.25 17.65 14.64
N GLU C 92 -19.92 17.02 15.58
CA GLU C 92 -19.97 17.53 16.97
C GLU C 92 -19.34 16.46 17.86
N ILE C 93 -18.94 16.78 19.10
CA ILE C 93 -18.39 15.76 20.00
C ILE C 93 -19.47 14.67 20.11
N PRO C 94 -19.14 13.44 19.73
CA PRO C 94 -20.29 12.55 19.69
C PRO C 94 -20.76 12.15 21.12
N PRO C 95 -22.01 11.66 21.25
CA PRO C 95 -22.36 11.09 22.56
C PRO C 95 -21.63 9.78 22.73
N ASN C 96 -21.47 9.34 23.98
CA ASN C 96 -20.87 8.05 24.30
C ASN C 96 -19.41 7.91 23.85
N SER C 97 -18.71 9.05 23.83
CA SER C 97 -17.39 9.16 23.24
C SER C 97 -16.33 9.52 24.28
N GLN C 98 -16.72 9.45 25.56
CA GLN C 98 -15.76 9.66 26.67
C GLN C 98 -14.64 8.62 26.81
N GLY C 99 -13.58 9.08 27.48
CA GLY C 99 -12.50 8.19 27.86
C GLY C 99 -11.76 7.57 26.71
N GLY C 100 -11.82 6.24 26.64
CA GLY C 100 -11.10 5.52 25.65
C GLY C 100 -11.59 5.69 24.24
N TYR C 101 -12.78 6.25 24.08
CA TYR C 101 -13.35 6.49 22.73
C TYR C 101 -12.89 7.85 22.17
N LEU C 102 -12.09 8.53 22.97
CA LEU C 102 -11.26 9.64 22.50
C LEU C 102 -11.97 10.84 21.89
N GLY C 103 -13.26 11.01 22.24
CA GLY C 103 -14.07 12.13 21.78
C GLY C 103 -14.45 12.02 20.32
N ILE C 104 -14.21 10.88 19.70
CA ILE C 104 -14.45 10.75 18.24
C ILE C 104 -15.30 9.55 17.89
N THR C 105 -15.43 8.62 18.82
CA THR C 105 -16.22 7.42 18.57
C THR C 105 -17.43 7.42 19.50
N ASP C 106 -18.63 7.30 18.92
CA ASP C 106 -19.86 7.04 19.67
C ASP C 106 -19.92 5.54 19.92
N SER C 107 -19.58 5.13 21.13
CA SER C 107 -19.52 3.69 21.48
C SER C 107 -20.82 2.90 21.19
N SER C 108 -21.95 3.60 21.09
CA SER C 108 -23.25 2.94 20.81
C SER C 108 -23.67 3.06 19.36
N ASN C 109 -22.68 3.17 18.47
CA ASN C 109 -22.78 3.39 17.00
C ASN C 109 -21.42 2.80 16.49
N SER C 110 -21.22 1.95 15.48
CA SER C 110 -21.90 1.65 14.18
C SER C 110 -21.66 2.55 12.97
N GLN C 111 -21.98 3.82 13.14
CA GLN C 111 -22.03 4.78 12.07
C GLN C 111 -20.88 5.76 12.17
N ASN C 112 -19.90 5.44 13.02
CA ASN C 112 -18.76 6.35 13.23
C ASN C 112 -17.92 6.52 11.95
N GLN C 113 -17.68 7.75 11.57
CA GLN C 113 -17.03 8.00 10.30
C GLN C 113 -16.00 9.11 10.52
N PHE C 114 -14.73 8.76 10.47
CA PHE C 114 -13.63 9.70 10.73
C PHE C 114 -12.35 9.03 10.40
N VAL C 115 -11.32 9.85 10.20
CA VAL C 115 -9.95 9.37 10.05
C VAL C 115 -9.16 10.07 11.17
N ALA C 116 -8.47 9.28 11.98
CA ALA C 116 -7.67 9.82 13.08
C ALA C 116 -6.33 9.19 13.15
N VAL C 117 -5.42 10.02 13.66
CA VAL C 117 -4.18 9.54 14.14
C VAL C 117 -4.22 9.79 15.66
N GLU C 118 -4.16 8.69 16.41
CA GLU C 118 -4.33 8.79 17.83
C GLU C 118 -3.01 8.64 18.61
N PHE C 119 -2.89 9.43 19.66
CA PHE C 119 -1.84 9.31 20.63
C PHE C 119 -2.51 8.86 21.87
N ASP C 120 -2.42 7.57 22.09
CA ASP C 120 -3.31 6.96 23.01
C ASP C 120 -2.50 6.55 24.22
N SER C 121 -2.84 7.11 25.37
CA SER C 121 -2.03 6.87 26.56
C SER C 121 -2.51 5.78 27.50
N HIS C 122 -3.63 5.14 27.21
CA HIS C 122 -4.19 4.17 28.14
C HIS C 122 -4.72 2.95 27.37
N PRO C 123 -4.22 1.74 27.69
CA PRO C 123 -4.65 0.55 26.98
C PRO C 123 -6.02 0.09 27.40
N ASN C 124 -6.94 0.23 26.47
CA ASN C 124 -8.28 -0.28 26.62
C ASN C 124 -8.26 -1.70 26.07
N VAL C 125 -9.35 -2.43 26.29
CA VAL C 125 -9.46 -3.85 25.91
C VAL C 125 -9.32 -4.05 24.40
N TRP C 126 -9.75 -3.03 23.67
CA TRP C 126 -9.66 -2.98 22.21
C TRP C 126 -8.35 -2.41 21.68
N ASP C 127 -7.46 -1.97 22.59
CA ASP C 127 -6.14 -1.46 22.23
C ASP C 127 -5.09 -2.53 21.83
N PRO C 128 -3.99 -2.11 21.17
CA PRO C 128 -3.11 -3.14 20.64
C PRO C 128 -2.62 -4.09 21.72
N LYS C 129 -3.09 -5.32 21.55
CA LYS C 129 -3.01 -6.45 22.51
C LYS C 129 -1.74 -7.12 22.13
N SER C 130 -0.90 -6.28 21.53
CA SER C 130 0.50 -6.45 21.56
C SER C 130 0.65 -6.17 23.04
N LEU C 131 1.82 -6.28 23.63
CA LEU C 131 1.89 -5.48 24.82
C LEU C 131 2.35 -4.18 24.28
N ARG C 132 1.32 -3.36 24.00
CA ARG C 132 1.49 -1.94 23.96
C ARG C 132 0.76 -1.44 25.15
N SER C 133 1.41 -0.51 25.83
CA SER C 133 0.73 0.38 26.69
C SER C 133 0.29 1.58 25.82
N SER C 134 0.94 2.73 25.97
CA SER C 134 0.73 3.85 25.06
C SER C 134 1.06 3.47 23.61
N HIS C 135 0.38 4.10 22.67
CA HIS C 135 0.62 3.81 21.27
C HIS C 135 0.15 4.93 20.42
N ILE C 136 0.69 4.96 19.21
CA ILE C 136 0.29 5.85 18.17
C ILE C 136 -0.48 5.01 17.13
N GLY C 137 -1.68 5.42 16.79
CA GLY C 137 -2.55 4.52 16.03
C GLY C 137 -3.14 5.27 14.85
N ILE C 138 -3.52 4.55 13.81
CA ILE C 138 -4.31 5.18 12.75
C ILE C 138 -5.66 4.54 12.69
N ASP C 139 -6.68 5.38 12.77
CA ASP C 139 -8.05 4.95 12.96
C ASP C 139 -8.88 5.44 11.79
N VAL C 140 -9.77 4.56 11.33
CA VAL C 140 -10.74 4.94 10.33
C VAL C 140 -12.04 4.30 10.81
N ASN C 141 -12.99 5.14 11.23
CA ASN C 141 -14.36 4.70 11.53
C ASN C 141 -14.46 3.83 12.77
N SER C 142 -13.32 3.49 13.36
CA SER C 142 -13.29 2.60 14.52
C SER C 142 -12.24 3.11 15.47
N ILE C 143 -12.50 2.88 16.75
CA ILE C 143 -11.54 3.10 17.81
C ILE C 143 -10.49 1.97 17.84
N MET C 144 -10.74 0.86 17.13
CA MET C 144 -9.69 -0.15 16.99
C MET C 144 -8.83 0.28 15.83
N SER C 145 -7.61 0.74 16.12
CA SER C 145 -6.65 1.20 15.11
C SER C 145 -6.39 0.15 14.03
N LEU C 146 -6.40 0.57 12.78
CA LEU C 146 -6.06 -0.29 11.65
C LEU C 146 -4.56 -0.63 11.73
N LYS C 147 -3.76 0.32 12.21
CA LYS C 147 -2.36 0.06 12.46
C LYS C 147 -1.92 0.89 13.63
N ALA C 148 -0.91 0.42 14.33
CA ALA C 148 -0.47 1.15 15.49
C ALA C 148 0.96 0.83 15.78
N VAL C 149 1.63 1.75 16.45
CA VAL C 149 2.95 1.45 16.91
C VAL C 149 3.01 1.82 18.35
N ASN C 150 3.90 1.23 19.10
CA ASN C 150 3.90 1.74 20.43
C ASN C 150 4.57 3.09 20.67
N TRP C 151 4.24 3.67 21.79
CA TRP C 151 4.69 5.00 22.07
C TRP C 151 5.28 4.98 23.46
N ASN C 152 6.56 5.38 23.58
CA ASN C 152 7.20 5.68 24.90
C ASN C 152 6.64 6.99 25.37
N ARG C 153 5.49 6.93 26.03
CA ARG C 153 4.84 8.15 26.44
C ARG C 153 5.67 8.70 27.60
N VAL C 154 6.21 9.91 27.46
CA VAL C 154 7.01 10.52 28.52
C VAL C 154 6.30 11.80 28.96
N SER C 155 5.87 11.81 30.22
CA SER C 155 5.17 12.96 30.76
C SER C 155 5.97 14.22 30.60
N GLY C 156 5.35 15.25 30.08
CA GLY C 156 6.05 16.55 29.95
C GLY C 156 6.91 16.62 28.71
N SER C 157 7.14 15.51 28.02
CA SER C 157 8.15 15.49 26.92
C SER C 157 7.55 15.92 25.56
N LEU C 158 8.26 16.80 24.87
CA LEU C 158 7.79 17.31 23.58
C LEU C 158 7.79 16.21 22.54
N GLU C 159 6.65 16.08 21.88
CA GLU C 159 6.45 15.16 20.77
C GLU C 159 6.24 15.98 19.50
N LYS C 160 6.88 15.60 18.39
CA LYS C 160 6.81 16.42 17.14
C LYS C 160 6.25 15.49 16.05
N ALA C 161 5.02 15.72 15.68
CA ALA C 161 4.36 14.84 14.70
C ALA C 161 4.41 15.46 13.34
N THR C 162 4.60 14.63 12.33
CA THR C 162 4.37 15.07 10.97
C THR C 162 3.53 13.99 10.33
N ILE C 163 2.47 14.41 9.66
CA ILE C 163 1.57 13.48 8.99
C ILE C 163 1.46 13.89 7.53
N ILE C 164 1.70 12.92 6.65
CA ILE C 164 1.59 13.16 5.20
C ILE C 164 0.47 12.28 4.66
N TYR C 165 -0.49 12.93 4.02
CA TYR C 165 -1.42 12.24 3.20
C TYR C 165 -1.08 12.43 1.76
N ASP C 166 -0.75 11.34 1.08
CA ASP C 166 -0.40 11.45 -0.30
C ASP C 166 -1.57 10.91 -1.07
N SER C 167 -2.30 11.79 -1.74
CA SER C 167 -3.42 11.40 -2.57
C SER C 167 -3.02 10.52 -3.73
N ASP C 168 -1.79 10.65 -4.28
CA ASP C 168 -1.41 9.75 -5.40
C ASP C 168 -1.57 8.26 -5.00
N THR C 169 -0.87 7.82 -3.95
CA THR C 169 -1.05 6.42 -3.51
C THR C 169 -2.11 6.20 -2.41
N LYS C 170 -2.63 7.29 -1.84
CA LYS C 170 -3.66 7.26 -0.82
C LYS C 170 -3.13 6.68 0.47
N ILE C 171 -1.92 7.08 0.85
CA ILE C 171 -1.30 6.66 2.10
C ILE C 171 -1.28 7.85 3.03
N LEU C 172 -1.76 7.63 4.26
CA LEU C 172 -1.55 8.49 5.39
C LEU C 172 -0.34 7.98 6.21
N THR C 173 0.70 8.80 6.29
CA THR C 173 1.89 8.40 7.07
C THR C 173 2.13 9.36 8.16
N VAL C 174 2.60 8.80 9.25
CA VAL C 174 2.84 9.56 10.48
C VAL C 174 4.26 9.31 10.94
N VAL C 175 4.97 10.37 11.22
CA VAL C 175 6.20 10.21 11.97
C VAL C 175 6.12 11.04 13.21
N MET C 176 6.64 10.49 14.31
CA MET C 176 6.73 11.19 15.58
C MET C 176 8.16 11.27 15.98
N THR C 177 8.71 12.47 16.03
CA THR C 177 10.06 12.60 16.56
C THR C 177 10.00 12.90 18.04
N HIS C 178 10.65 12.07 18.83
CA HIS C 178 10.55 12.19 20.25
C HIS C 178 11.69 13.07 20.82
N GLN C 179 11.50 13.53 22.06
CA GLN C 179 12.52 14.39 22.70
C GLN C 179 13.89 13.70 22.66
N ASN C 180 13.95 12.38 22.77
CA ASN C 180 15.25 11.69 22.73
C ASN C 180 15.87 11.63 21.33
N GLY C 181 15.19 12.20 20.34
CA GLY C 181 15.73 12.21 18.99
C GLY C 181 15.35 11.00 18.15
N GLN C 182 14.65 10.06 18.74
CA GLN C 182 14.19 8.88 18.00
C GLN C 182 12.91 9.24 17.25
N ILE C 183 12.52 8.40 16.29
CA ILE C 183 11.26 8.59 15.63
C ILE C 183 10.49 7.32 15.67
N THR C 184 9.18 7.48 15.67
CA THR C 184 8.24 6.38 15.57
C THR C 184 7.45 6.64 14.29
N THR C 185 7.16 5.61 13.51
CA THR C 185 6.30 5.85 12.34
C THR C 185 5.19 4.84 12.26
N ILE C 186 4.11 5.21 11.57
CA ILE C 186 3.04 4.31 11.25
C ILE C 186 2.28 4.93 10.07
N SER C 187 1.69 4.10 9.22
CA SER C 187 1.02 4.54 7.98
C SER C 187 -0.18 3.67 7.78
N GLN C 188 -1.07 4.16 6.95
CA GLN C 188 -2.17 3.31 6.54
C GLN C 188 -2.62 3.86 5.25
N GLU C 189 -2.81 2.93 4.33
CA GLU C 189 -3.52 3.20 3.08
C GLU C 189 -5.00 3.59 3.36
N ILE C 190 -5.39 4.79 2.96
CA ILE C 190 -6.74 5.23 3.22
C ILE C 190 -7.18 6.02 2.04
N ASP C 191 -8.28 5.60 1.41
CA ASP C 191 -8.77 6.38 0.29
C ASP C 191 -9.72 7.40 0.90
N LEU C 192 -9.27 8.65 0.95
CA LEU C 192 -10.04 9.69 1.66
C LEU C 192 -11.40 9.85 1.05
N LYS C 193 -11.43 9.76 -0.29
CA LYS C 193 -12.61 9.95 -1.09
C LYS C 193 -13.63 8.89 -0.84
N THR C 194 -13.20 7.71 -0.40
CA THR C 194 -14.16 6.69 -0.13
C THR C 194 -14.73 6.71 1.28
N VAL C 195 -14.04 7.35 2.24
CA VAL C 195 -14.44 7.27 3.65
C VAL C 195 -14.96 8.62 4.24
N LEU C 196 -14.82 9.70 3.49
CA LEU C 196 -15.16 11.00 4.01
C LEU C 196 -15.75 11.81 2.90
N PRO C 197 -16.59 12.80 3.24
CA PRO C 197 -17.12 13.70 2.23
C PRO C 197 -16.05 14.67 1.68
N GLU C 198 -16.40 15.38 0.61
CA GLU C 198 -15.55 16.40 0.01
C GLU C 198 -14.90 17.38 0.96
N LYS C 199 -15.65 17.80 1.99
CA LYS C 199 -15.19 18.80 2.94
C LYS C 199 -15.23 18.22 4.32
N VAL C 200 -14.14 18.38 5.07
CA VAL C 200 -14.04 17.84 6.41
C VAL C 200 -13.49 18.90 7.33
N SER C 201 -13.67 18.70 8.63
CA SER C 201 -12.87 19.41 9.59
C SER C 201 -11.52 18.70 9.74
N VAL C 202 -10.50 19.47 10.07
CA VAL C 202 -9.25 18.92 10.60
C VAL C 202 -9.08 19.52 11.98
N GLY C 203 -8.52 18.73 12.86
CA GLY C 203 -8.26 19.24 14.21
C GLY C 203 -8.00 18.16 15.21
N PHE C 204 -8.25 18.42 16.48
CA PHE C 204 -7.84 17.52 17.51
C PHE C 204 -9.03 17.18 18.41
N SER C 205 -9.01 15.98 18.97
CA SER C 205 -9.92 15.59 20.03
C SER C 205 -9.05 14.96 21.10
N ALA C 206 -9.36 15.18 22.37
CA ALA C 206 -8.64 14.54 23.44
C ALA C 206 -9.60 14.35 24.57
N THR C 207 -9.42 13.27 25.30
CA THR C 207 -10.20 12.96 26.48
C THR C 207 -9.34 12.57 27.71
N THR C 208 -9.99 12.67 28.86
CA THR C 208 -9.50 12.19 30.10
C THR C 208 -10.70 11.52 30.75
N TRP C 209 -10.41 10.74 31.79
CA TRP C 209 -11.40 9.93 32.43
C TRP C 209 -11.45 10.35 33.91
N ASN C 210 -11.74 9.41 34.80
CA ASN C 210 -11.74 9.70 36.21
C ASN C 210 -11.70 8.29 36.78
N PRO C 211 -10.64 7.94 37.53
CA PRO C 211 -9.54 8.82 37.97
C PRO C 211 -8.45 9.13 36.94
N GLU C 212 -8.38 8.32 35.87
CA GLU C 212 -7.31 8.46 34.89
C GLU C 212 -7.44 9.81 34.20
N ARG C 213 -6.35 10.55 34.11
CA ARG C 213 -6.28 11.76 33.34
C ARG C 213 -4.83 12.11 33.00
N GLU C 214 -4.71 13.07 32.08
CA GLU C 214 -3.44 13.71 31.79
C GLU C 214 -3.76 15.00 31.05
N ARG C 215 -2.75 15.87 30.95
CA ARG C 215 -2.82 17.01 30.07
C ARG C 215 -2.42 16.58 28.64
N HIS C 216 -3.04 17.22 27.68
CA HIS C 216 -2.56 17.15 26.31
C HIS C 216 -2.50 18.61 25.86
N ASP C 217 -1.29 19.14 25.82
CA ASP C 217 -1.06 20.53 25.43
C ASP C 217 -0.38 20.59 24.06
N ILE C 218 -1.00 21.29 23.14
CA ILE C 218 -0.50 21.43 21.78
C ILE C 218 0.17 22.78 21.68
N TYR C 219 1.41 22.79 21.22
CA TYR C 219 2.22 23.99 21.17
C TYR C 219 2.23 24.66 19.80
N SER C 220 2.08 23.84 18.76
CA SER C 220 2.18 24.34 17.42
C SER C 220 1.43 23.42 16.47
N TRP C 221 1.03 23.95 15.34
CA TRP C 221 0.28 23.19 14.34
C TRP C 221 0.36 23.94 13.03
N SER C 222 0.95 23.29 12.04
CA SER C 222 0.88 23.82 10.69
C SER C 222 0.21 22.76 9.81
N PHE C 223 -0.45 23.24 8.76
CA PHE C 223 -1.19 22.35 7.85
C PHE C 223 -1.13 22.97 6.48
N THR C 224 -0.80 22.15 5.50
CA THR C 224 -0.91 22.50 4.07
C THR C 224 -1.63 21.39 3.33
N SER C 225 -2.74 21.73 2.69
CA SER C 225 -3.39 20.82 1.77
C SER C 225 -3.51 21.45 0.39
N THR C 226 -3.39 20.62 -0.63
CA THR C 226 -3.52 21.11 -1.97
C THR C 226 -4.48 20.19 -2.67
N LEU C 227 -5.51 20.76 -3.28
CA LEU C 227 -6.47 19.98 -4.03
C LEU C 227 -6.51 20.47 -5.46
N LYS C 228 -6.13 19.60 -6.38
CA LYS C 228 -6.21 19.89 -7.82
C LYS C 228 -7.68 20.12 -8.28
N GLU C 229 -7.98 21.37 -8.66
CA GLU C 229 -9.24 21.69 -9.36
C GLU C 229 -9.21 21.45 -10.91
N PRO C 230 -8.02 21.16 -11.51
CA PRO C 230 -8.09 20.51 -12.84
C PRO C 230 -8.18 18.98 -12.73
N VAL D 1 -4.62 -23.89 6.40
CA VAL D 1 -6.00 -24.45 6.19
C VAL D 1 -6.20 -24.48 4.69
N SER D 2 -6.63 -25.63 4.19
CA SER D 2 -6.83 -25.79 2.75
C SER D 2 -8.11 -26.55 2.51
N PHE D 3 -9.02 -25.95 1.76
CA PHE D 3 -10.21 -26.66 1.32
C PHE D 3 -10.66 -26.19 -0.06
N ASN D 4 -11.55 -26.97 -0.67
CA ASN D 4 -11.95 -26.84 -2.06
C ASN D 4 -13.33 -27.50 -2.21
N TYR D 5 -14.38 -26.69 -2.15
CA TYR D 5 -15.72 -27.14 -2.52
C TYR D 5 -15.98 -26.80 -3.97
N THR D 6 -16.10 -27.79 -4.82
CA THR D 6 -16.57 -27.47 -6.16
C THR D 6 -18.07 -27.61 -6.23
N ARG D 7 -18.61 -28.21 -5.18
CA ARG D 7 -20.03 -28.13 -4.88
C ARG D 7 -20.19 -28.37 -3.39
N PHE D 8 -21.41 -28.14 -2.88
CA PHE D 8 -21.67 -28.26 -1.47
C PHE D 8 -22.53 -29.47 -1.14
N LYS D 9 -22.04 -30.25 -0.19
CA LYS D 9 -22.78 -31.38 0.31
C LYS D 9 -22.58 -31.36 1.79
N ASP D 10 -23.58 -31.90 2.48
CA ASP D 10 -23.58 -31.99 3.90
C ASP D 10 -22.55 -33.07 4.21
N ASP D 11 -21.42 -32.66 4.76
CA ASP D 11 -20.35 -33.61 4.98
C ASP D 11 -19.64 -33.30 6.25
N GLY D 12 -20.21 -32.37 6.98
CA GLY D 12 -19.75 -32.00 8.32
C GLY D 12 -18.66 -30.97 8.41
N SER D 13 -18.26 -30.42 7.26
CA SER D 13 -17.16 -29.45 7.14
C SER D 13 -17.61 -27.98 7.30
N LEU D 14 -18.89 -27.72 7.10
CA LEU D 14 -19.46 -26.37 7.28
C LEU D 14 -20.38 -26.25 8.48
N ILE D 15 -20.61 -25.01 8.91
CA ILE D 15 -21.45 -24.67 10.05
C ILE D 15 -22.44 -23.67 9.46
N PHE D 16 -23.70 -24.06 9.43
CA PHE D 16 -24.77 -23.19 9.01
C PHE D 16 -25.46 -22.60 10.21
N GLN D 17 -25.82 -21.33 10.08
CA GLN D 17 -26.48 -20.55 11.10
C GLN D 17 -27.54 -19.72 10.37
N GLY D 18 -28.57 -19.30 11.08
CA GLY D 18 -29.77 -18.75 10.46
C GLY D 18 -30.31 -19.59 9.32
N ASP D 19 -30.49 -18.93 8.18
CA ASP D 19 -31.26 -19.40 7.01
C ASP D 19 -30.39 -19.95 5.89
N ALA D 20 -29.11 -20.15 6.17
CA ALA D 20 -28.20 -20.80 5.21
C ALA D 20 -28.55 -22.28 5.08
N LYS D 21 -28.62 -22.77 3.85
CA LYS D 21 -28.92 -24.16 3.65
C LYS D 21 -28.27 -24.70 2.37
N ILE D 22 -27.84 -25.96 2.44
CA ILE D 22 -27.36 -26.67 1.25
C ILE D 22 -28.57 -27.22 0.50
N TRP D 23 -28.88 -26.57 -0.62
CA TRP D 23 -29.94 -26.92 -1.58
C TRP D 23 -29.27 -27.85 -2.61
N THR D 24 -29.96 -28.79 -3.28
CA THR D 24 -29.18 -29.67 -4.20
C THR D 24 -28.71 -28.92 -5.46
N ASP D 25 -28.00 -29.68 -6.31
CA ASP D 25 -26.98 -29.17 -7.24
C ASP D 25 -25.78 -28.66 -6.45
N GLY D 26 -25.82 -28.90 -5.12
CA GLY D 26 -24.71 -28.60 -4.21
C GLY D 26 -24.51 -27.10 -4.08
N ARG D 27 -25.63 -26.39 -4.02
CA ARG D 27 -25.66 -24.95 -3.96
C ARG D 27 -25.75 -24.59 -2.49
N LEU D 28 -24.93 -23.65 -2.07
CA LEU D 28 -25.07 -23.05 -0.76
C LEU D 28 -26.02 -21.84 -0.82
N ALA D 29 -27.30 -22.04 -0.42
CA ALA D 29 -28.33 -21.00 -0.43
C ALA D 29 -28.38 -20.15 0.84
N MET D 30 -28.19 -18.84 0.66
CA MET D 30 -28.17 -17.87 1.73
C MET D 30 -29.03 -16.66 1.36
N PRO D 31 -30.34 -16.73 1.67
CA PRO D 31 -31.04 -17.80 2.35
C PRO D 31 -31.61 -18.89 1.47
N THR D 32 -31.91 -20.02 2.08
CA THR D 32 -32.65 -21.10 1.44
C THR D 32 -33.95 -20.66 0.77
N ASP D 33 -34.65 -19.75 1.42
CA ASP D 33 -35.90 -19.27 0.86
C ASP D 33 -36.05 -17.79 1.08
N PRO D 34 -35.83 -16.98 0.03
CA PRO D 34 -35.78 -15.53 0.27
C PRO D 34 -37.17 -14.91 0.53
N LEU D 35 -38.24 -15.69 0.30
CA LEU D 35 -39.62 -15.26 0.62
C LEU D 35 -39.98 -15.12 2.11
N VAL D 36 -39.25 -15.84 2.94
CA VAL D 36 -39.15 -15.53 4.37
C VAL D 36 -38.50 -14.16 4.60
N ASN D 37 -39.17 -13.38 5.43
CA ASN D 37 -38.80 -12.01 5.64
C ASN D 37 -37.54 -11.88 6.52
N ARG D 38 -36.66 -10.96 6.16
CA ARG D 38 -35.50 -10.60 6.99
C ARG D 38 -34.64 -11.80 7.38
N THR D 39 -34.18 -12.55 6.39
CA THR D 39 -33.24 -13.63 6.62
C THR D 39 -31.86 -13.11 7.03
N THR D 40 -31.17 -13.92 7.85
CA THR D 40 -29.77 -13.76 8.15
C THR D 40 -29.23 -15.17 8.05
N SER D 41 -28.19 -15.38 7.23
CA SER D 41 -27.56 -16.70 7.05
C SER D 41 -26.08 -16.62 7.20
N HIS D 42 -25.51 -17.61 7.90
CA HIS D 42 -24.09 -17.72 8.09
C HIS D 42 -23.68 -19.09 7.62
N ALA D 43 -22.53 -19.16 6.96
CA ALA D 43 -22.01 -20.41 6.45
C ALA D 43 -20.51 -20.29 6.64
N LEU D 44 -20.04 -21.05 7.65
CA LEU D 44 -18.70 -20.90 8.15
C LEU D 44 -18.05 -22.20 7.90
N TYR D 45 -16.77 -22.16 7.54
CA TYR D 45 -16.02 -23.38 7.52
C TYR D 45 -15.91 -23.84 9.00
N ALA D 46 -16.06 -25.15 9.22
CA ALA D 46 -16.33 -25.64 10.57
C ALA D 46 -15.19 -25.64 11.56
N THR D 47 -13.98 -25.36 11.12
CA THR D 47 -12.91 -25.16 12.13
C THR D 47 -12.18 -23.82 12.03
N PRO D 48 -11.61 -23.35 13.16
CA PRO D 48 -10.97 -22.05 13.23
C PRO D 48 -9.81 -21.96 12.28
N VAL D 49 -9.67 -20.83 11.62
CA VAL D 49 -8.49 -20.59 10.85
C VAL D 49 -7.51 -19.77 11.66
N PRO D 50 -6.33 -20.35 11.95
CA PRO D 50 -5.35 -19.49 12.61
C PRO D 50 -4.88 -18.37 11.68
N ILE D 51 -5.09 -17.11 12.08
CA ILE D 51 -4.63 -16.04 11.19
C ILE D 51 -3.41 -15.34 11.73
N TRP D 52 -3.16 -15.46 13.03
CA TRP D 52 -1.88 -15.07 13.56
C TRP D 52 -1.48 -15.96 14.72
N ASP D 53 -0.25 -15.70 15.14
CA ASP D 53 0.46 -16.47 16.15
C ASP D 53 1.19 -15.53 17.11
N SER D 54 0.80 -15.61 18.38
CA SER D 54 1.28 -14.73 19.44
C SER D 54 2.80 -14.82 19.67
N ALA D 55 3.33 -16.04 19.63
CA ALA D 55 4.76 -16.30 19.84
C ALA D 55 5.70 -15.65 18.82
N THR D 56 5.27 -15.65 17.55
CA THR D 56 6.08 -15.16 16.44
C THR D 56 5.77 -13.73 16.01
N GLY D 57 4.51 -13.32 16.23
CA GLY D 57 4.00 -12.08 15.64
C GLY D 57 3.60 -12.28 14.18
N ASN D 58 3.85 -13.47 13.65
CA ASN D 58 3.49 -13.82 12.25
C ASN D 58 2.00 -13.78 11.98
N VAL D 59 1.64 -13.36 10.76
CA VAL D 59 0.23 -13.31 10.31
C VAL D 59 0.06 -14.26 9.10
N ALA D 60 -1.10 -14.89 8.99
CA ALA D 60 -1.36 -15.80 7.90
C ALA D 60 -1.57 -15.00 6.61
N SER D 61 -1.28 -15.66 5.51
CA SER D 61 -1.65 -15.14 4.20
C SER D 61 -2.70 -16.11 3.76
N PHE D 62 -3.63 -15.69 2.92
CA PHE D 62 -4.56 -16.63 2.36
C PHE D 62 -5.08 -16.18 0.98
N ILE D 63 -5.66 -17.11 0.26
CA ILE D 63 -6.43 -16.78 -0.91
C ILE D 63 -7.67 -17.59 -0.80
N THR D 64 -8.76 -16.99 -1.20
CA THR D 64 -9.96 -17.72 -1.29
C THR D 64 -10.63 -17.30 -2.59
N SER D 65 -11.42 -18.19 -3.18
CA SER D 65 -12.18 -17.80 -4.34
C SER D 65 -13.50 -18.51 -4.25
N PHE D 66 -14.51 -17.86 -4.74
CA PHE D 66 -15.82 -18.43 -4.67
C PHE D 66 -16.61 -17.90 -5.83
N SER D 67 -17.48 -18.74 -6.35
CA SER D 67 -18.33 -18.33 -7.41
C SER D 67 -19.74 -18.39 -6.84
N PHE D 68 -20.53 -17.39 -7.23
CA PHE D 68 -21.83 -17.15 -6.66
C PHE D 68 -22.66 -16.36 -7.65
N ILE D 69 -23.94 -16.29 -7.37
CA ILE D 69 -24.90 -15.57 -8.18
C ILE D 69 -25.89 -14.90 -7.19
N VAL D 70 -26.14 -13.61 -7.36
CA VAL D 70 -27.28 -13.01 -6.65
C VAL D 70 -28.44 -12.90 -7.64
N SER D 71 -29.67 -13.13 -7.13
CA SER D 71 -30.85 -13.25 -8.00
C SER D 71 -32.06 -12.56 -7.41
N ASN D 72 -32.68 -11.72 -8.23
CA ASN D 72 -33.94 -11.08 -7.91
C ASN D 72 -34.99 -12.12 -7.57
N VAL D 73 -35.93 -11.69 -6.73
CA VAL D 73 -37.14 -12.43 -6.36
C VAL D 73 -38.27 -11.42 -6.36
N GLN D 74 -39.39 -11.61 -7.01
CA GLN D 74 -39.61 -11.90 -8.36
C GLN D 74 -39.68 -10.44 -8.84
N ARG D 75 -40.61 -9.65 -8.27
CA ARG D 75 -40.66 -8.20 -8.52
C ARG D 75 -40.15 -7.42 -7.31
N TYR D 76 -39.63 -8.10 -6.28
CA TYR D 76 -39.11 -7.40 -5.09
C TYR D 76 -37.82 -6.65 -5.42
N PRO D 77 -37.57 -5.50 -4.75
CA PRO D 77 -36.26 -4.88 -4.93
C PRO D 77 -35.21 -5.71 -4.22
N PRO D 78 -33.97 -5.73 -4.73
CA PRO D 78 -32.97 -6.59 -4.12
C PRO D 78 -32.33 -6.04 -2.84
N THR D 79 -32.17 -6.92 -1.85
CA THR D 79 -31.33 -6.69 -0.69
C THR D 79 -30.98 -8.05 -0.08
N ASP D 80 -30.01 -8.09 0.83
CA ASP D 80 -29.11 -7.02 1.19
C ASP D 80 -27.64 -6.91 0.70
N GLY D 81 -26.74 -7.88 0.70
CA GLY D 81 -26.87 -9.19 0.23
C GLY D 81 -25.88 -10.14 0.88
N VAL D 82 -24.66 -10.31 0.33
CA VAL D 82 -23.74 -11.40 0.78
C VAL D 82 -22.27 -11.03 0.95
N VAL D 83 -21.66 -11.51 2.04
CA VAL D 83 -20.26 -11.23 2.35
C VAL D 83 -19.41 -12.52 2.56
N PHE D 84 -18.13 -12.40 2.25
CA PHE D 84 -17.10 -13.23 2.82
C PHE D 84 -16.50 -12.48 4.04
N PHE D 85 -16.32 -13.17 5.16
CA PHE D 85 -15.83 -12.47 6.33
C PHE D 85 -15.05 -13.37 7.23
N LEU D 86 -14.18 -12.72 7.99
CA LEU D 86 -13.41 -13.27 9.09
C LEU D 86 -13.95 -12.60 10.34
N ALA D 87 -14.31 -13.43 11.31
CA ALA D 87 -14.74 -12.96 12.61
C ALA D 87 -14.14 -13.84 13.72
N PRO D 88 -13.96 -13.29 14.93
CA PRO D 88 -13.57 -14.09 16.08
C PRO D 88 -14.27 -15.43 16.14
N TRP D 89 -13.48 -16.49 16.29
CA TRP D 89 -14.05 -17.79 16.48
C TRP D 89 -14.79 -17.71 17.82
N GLY D 90 -16.05 -18.10 17.79
CA GLY D 90 -16.92 -17.97 18.95
C GLY D 90 -18.04 -16.97 18.73
N THR D 91 -17.86 -16.05 17.78
CA THR D 91 -18.92 -15.12 17.35
C THR D 91 -20.09 -15.92 16.75
N GLU D 92 -21.30 -15.59 17.18
CA GLU D 92 -22.49 -16.05 16.49
C GLU D 92 -22.96 -14.83 15.66
N ILE D 93 -24.09 -14.99 14.94
CA ILE D 93 -24.81 -13.87 14.31
C ILE D 93 -25.03 -12.71 15.33
N PRO D 94 -24.48 -11.49 15.05
CA PRO D 94 -24.62 -10.45 16.09
C PRO D 94 -26.05 -9.94 16.24
N PRO D 95 -26.38 -9.39 17.43
CA PRO D 95 -27.73 -8.83 17.58
C PRO D 95 -27.77 -7.55 16.77
N ASN D 96 -28.96 -7.14 16.32
CA ASN D 96 -29.13 -5.89 15.61
C ASN D 96 -28.25 -5.86 14.35
N SER D 97 -28.16 -7.00 13.67
CA SER D 97 -27.33 -7.16 12.48
C SER D 97 -28.11 -7.48 11.18
N GLN D 98 -29.43 -7.39 11.22
CA GLN D 98 -30.29 -7.80 10.10
C GLN D 98 -30.21 -6.77 8.95
N GLY D 99 -30.65 -7.17 7.77
CA GLY D 99 -30.73 -6.25 6.65
C GLY D 99 -29.39 -5.71 6.19
N GLY D 100 -29.32 -4.37 6.14
CA GLY D 100 -28.14 -3.65 5.65
C GLY D 100 -26.90 -3.82 6.52
N TYR D 101 -27.09 -4.34 7.72
CA TYR D 101 -25.96 -4.70 8.59
C TYR D 101 -25.38 -6.08 8.26
N LEU D 102 -25.97 -6.78 7.29
CA LEU D 102 -25.33 -7.93 6.62
C LEU D 102 -25.03 -9.18 7.48
N GLY D 103 -25.51 -9.18 8.73
CA GLY D 103 -25.40 -10.34 9.61
C GLY D 103 -24.05 -10.37 10.26
N ILE D 104 -23.33 -9.26 10.16
CA ILE D 104 -21.95 -9.15 10.63
C ILE D 104 -21.76 -7.96 11.58
N THR D 105 -22.69 -7.00 11.50
CA THR D 105 -22.57 -5.79 12.31
C THR D 105 -23.82 -5.62 13.19
N ASP D 106 -23.58 -5.42 14.49
CA ASP D 106 -24.53 -4.79 15.43
C ASP D 106 -23.99 -3.37 15.50
N SER D 107 -24.51 -2.35 14.84
CA SER D 107 -25.85 -1.78 14.70
C SER D 107 -25.88 -0.82 15.87
N SER D 108 -25.39 -1.27 17.03
CA SER D 108 -25.13 -0.34 18.12
C SER D 108 -24.32 -0.83 19.32
N ASN D 109 -23.19 -1.57 19.26
CA ASN D 109 -21.81 -1.34 18.78
C ASN D 109 -21.37 -0.40 17.66
N SER D 110 -20.45 0.55 17.87
CA SER D 110 -18.99 0.41 18.14
C SER D 110 -18.19 -0.62 17.33
N GLN D 111 -18.09 -1.89 17.71
CA GLN D 111 -17.31 -2.34 18.81
C GLN D 111 -16.89 -3.82 18.74
N ASN D 112 -16.82 -4.55 17.63
CA ASN D 112 -17.65 -4.81 16.40
C ASN D 112 -16.56 -5.30 15.41
N GLN D 113 -16.30 -6.63 15.40
CA GLN D 113 -15.03 -7.19 14.87
C GLN D 113 -15.06 -8.58 14.10
N PHE D 114 -14.36 -8.83 13.01
CA PHE D 114 -14.71 -8.56 11.60
C PHE D 114 -13.89 -7.84 10.53
N VAL D 115 -13.50 -8.69 9.58
CA VAL D 115 -13.08 -8.22 8.25
C VAL D 115 -14.00 -8.81 7.19
N ALA D 116 -14.57 -7.97 6.34
CA ALA D 116 -15.51 -8.50 5.40
C ALA D 116 -15.21 -7.96 4.00
N VAL D 117 -15.51 -8.79 3.02
CA VAL D 117 -15.67 -8.35 1.66
C VAL D 117 -17.15 -8.51 1.33
N GLU D 118 -17.81 -7.36 1.24
CA GLU D 118 -19.25 -7.36 0.97
C GLU D 118 -19.64 -7.20 -0.51
N PHE D 119 -20.69 -7.92 -0.89
CA PHE D 119 -21.37 -7.74 -2.16
C PHE D 119 -22.75 -7.20 -1.83
N ASP D 120 -22.79 -5.89 -1.78
CA ASP D 120 -23.90 -5.19 -1.22
C ASP D 120 -24.88 -4.77 -2.32
N SER D 121 -26.07 -5.35 -2.29
CA SER D 121 -27.02 -5.15 -3.40
C SER D 121 -28.02 -4.02 -3.14
N HIS D 122 -27.95 -3.42 -1.96
CA HIS D 122 -28.92 -2.43 -1.61
C HIS D 122 -28.26 -1.18 -1.02
N PRO D 123 -28.52 0.00 -1.64
CA PRO D 123 -27.93 1.24 -1.13
C PRO D 123 -28.55 1.71 0.17
N ASN D 124 -27.83 1.55 1.27
CA ASN D 124 -28.33 2.04 2.51
C ASN D 124 -27.87 3.47 2.70
N VAL D 125 -28.21 4.04 3.83
CA VAL D 125 -27.93 5.47 4.00
C VAL D 125 -26.44 5.68 4.19
N TRP D 126 -25.78 4.65 4.68
CA TRP D 126 -24.35 4.71 4.96
C TRP D 126 -23.49 4.20 3.85
N ASP D 127 -24.11 3.79 2.73
CA ASP D 127 -23.40 3.13 1.63
C ASP D 127 -22.73 4.14 0.69
N PRO D 128 -21.80 3.67 -0.16
CA PRO D 128 -20.99 4.66 -0.88
C PRO D 128 -21.93 5.67 -1.48
N LYS D 129 -21.89 6.82 -0.80
CA LYS D 129 -22.93 7.85 -0.72
C LYS D 129 -22.72 8.55 -2.03
N SER D 130 -22.12 7.74 -2.89
CA SER D 130 -21.92 8.03 -4.26
C SER D 130 -23.30 7.75 -4.71
N LEU D 131 -23.53 7.85 -6.00
CA LEU D 131 -24.59 7.04 -6.55
C LEU D 131 -23.76 5.86 -7.00
N ARG D 132 -23.46 5.04 -6.00
CA ARG D 132 -23.22 3.63 -6.19
C ARG D 132 -24.57 3.07 -5.82
N SER D 133 -25.06 2.12 -6.60
CA SER D 133 -26.13 1.30 -6.05
C SER D 133 -25.43 0.11 -5.39
N SER D 134 -25.45 -1.03 -6.08
CA SER D 134 -24.71 -2.23 -5.64
C SER D 134 -23.22 -1.95 -5.71
N HIS D 135 -22.48 -2.57 -4.80
CA HIS D 135 -21.08 -2.27 -4.68
C HIS D 135 -20.42 -3.41 -3.98
N ILE D 136 -19.13 -3.47 -4.20
CA ILE D 136 -18.29 -4.41 -3.60
C ILE D 136 -17.43 -3.58 -2.66
N GLY D 137 -17.53 -3.87 -1.35
CA GLY D 137 -16.84 -3.11 -0.31
C GLY D 137 -15.97 -4.02 0.55
N ILE D 138 -14.93 -3.41 1.13
CA ILE D 138 -14.16 -4.08 2.17
C ILE D 138 -14.51 -3.38 3.49
N ASP D 139 -14.92 -4.18 4.47
CA ASP D 139 -15.34 -3.63 5.74
C ASP D 139 -14.30 -4.05 6.78
N VAL D 140 -13.90 -3.13 7.64
CA VAL D 140 -13.07 -3.51 8.79
C VAL D 140 -13.76 -2.88 9.96
N ASN D 141 -14.49 -3.71 10.71
CA ASN D 141 -14.95 -3.28 12.03
C ASN D 141 -15.97 -2.16 11.87
N SER D 142 -16.57 -2.09 10.68
CA SER D 142 -17.53 -1.04 10.33
C SER D 142 -18.29 -1.50 9.08
N ILE D 143 -19.61 -1.38 9.15
CA ILE D 143 -20.53 -1.48 8.03
C ILE D 143 -20.29 -0.45 6.92
N MET D 144 -19.56 0.61 7.25
CA MET D 144 -19.23 1.65 6.30
C MET D 144 -17.85 1.30 5.78
N SER D 145 -17.88 0.77 4.56
CA SER D 145 -16.73 0.16 3.96
C SER D 145 -15.58 1.15 3.92
N LEU D 146 -14.39 0.66 4.18
CA LEU D 146 -13.21 1.52 4.10
C LEU D 146 -12.79 1.76 2.66
N LYS D 147 -13.12 0.81 1.79
CA LYS D 147 -13.17 1.11 0.37
C LYS D 147 -14.29 0.36 -0.29
N ALA D 148 -14.71 0.86 -1.46
CA ALA D 148 -15.79 0.20 -2.22
C ALA D 148 -15.76 0.61 -3.67
N VAL D 149 -16.21 -0.29 -4.52
CA VAL D 149 -16.27 -0.03 -5.96
C VAL D 149 -17.66 -0.39 -6.40
N ASN D 150 -18.11 0.22 -7.48
CA ASN D 150 -19.41 -0.11 -8.09
C ASN D 150 -19.48 -1.55 -8.57
N TRP D 151 -20.66 -2.12 -8.44
CA TRP D 151 -20.86 -3.50 -8.82
C TRP D 151 -22.05 -3.47 -9.72
N ASN D 152 -21.85 -3.88 -10.97
CA ASN D 152 -22.96 -4.03 -11.86
C ASN D 152 -23.69 -5.34 -11.48
N ARG D 153 -24.57 -5.25 -10.50
CA ARG D 153 -25.30 -6.43 -10.04
C ARG D 153 -26.22 -6.87 -11.16
N VAL D 154 -26.05 -8.10 -11.58
CA VAL D 154 -26.87 -8.67 -12.64
C VAL D 154 -27.50 -9.92 -11.99
N SER D 155 -28.84 -9.97 -12.00
CA SER D 155 -29.60 -11.08 -11.39
C SER D 155 -29.27 -12.40 -12.04
N GLY D 156 -28.96 -13.42 -11.23
CA GLY D 156 -28.64 -14.75 -11.77
C GLY D 156 -27.28 -14.92 -12.45
N SER D 157 -26.53 -13.83 -12.56
CA SER D 157 -25.23 -13.86 -13.27
C SER D 157 -24.09 -14.40 -12.41
N LEU D 158 -23.29 -15.31 -12.96
CA LEU D 158 -22.18 -15.86 -12.19
C LEU D 158 -21.11 -14.79 -11.93
N GLU D 159 -20.73 -14.68 -10.67
CA GLU D 159 -19.70 -13.77 -10.20
C GLU D 159 -18.61 -14.63 -9.67
N LYS D 160 -17.37 -14.33 -10.04
CA LYS D 160 -16.25 -15.13 -9.54
C LYS D 160 -15.32 -14.27 -8.77
N ALA D 161 -15.34 -14.44 -7.45
CA ALA D 161 -14.56 -13.60 -6.55
C ALA D 161 -13.26 -14.27 -6.15
N THR D 162 -12.19 -13.50 -6.18
CA THR D 162 -10.96 -13.98 -5.61
C THR D 162 -10.51 -12.94 -4.62
N ILE D 163 -10.13 -13.42 -3.46
CA ILE D 163 -9.63 -12.55 -2.40
C ILE D 163 -8.26 -13.04 -1.93
N ILE D 164 -7.29 -12.13 -1.91
CA ILE D 164 -5.97 -12.52 -1.45
C ILE D 164 -5.63 -11.62 -0.32
N TYR D 165 -5.20 -12.24 0.76
CA TYR D 165 -4.59 -11.48 1.87
C TYR D 165 -3.11 -11.77 1.93
N ASP D 166 -2.31 -10.73 1.73
CA ASP D 166 -0.88 -10.87 1.80
C ASP D 166 -0.47 -10.35 3.17
N SER D 167 -0.06 -11.25 4.05
CA SER D 167 0.41 -10.88 5.39
C SER D 167 1.68 -10.05 5.34
N ASP D 168 2.62 -10.35 4.44
CA ASP D 168 3.85 -9.54 4.37
C ASP D 168 3.59 -8.03 4.27
N THR D 169 2.68 -7.61 3.38
CA THR D 169 2.37 -6.18 3.22
C THR D 169 1.06 -5.79 3.88
N LYS D 170 0.34 -6.78 4.43
CA LYS D 170 -0.92 -6.53 5.13
C LYS D 170 -2.02 -6.02 4.17
N ILE D 171 -2.03 -6.52 2.94
CA ILE D 171 -3.05 -6.08 2.02
C ILE D 171 -4.07 -7.17 1.78
N LEU D 172 -5.33 -6.77 1.85
CA LEU D 172 -6.44 -7.59 1.41
C LEU D 172 -6.86 -7.08 0.04
N THR D 173 -6.83 -7.92 -0.97
CA THR D 173 -7.19 -7.47 -2.29
C THR D 173 -8.25 -8.35 -2.87
N VAL D 174 -9.22 -7.74 -3.54
CA VAL D 174 -10.36 -8.49 -4.08
C VAL D 174 -10.42 -8.28 -5.56
N VAL D 175 -10.66 -9.33 -6.29
CA VAL D 175 -11.05 -9.22 -7.69
C VAL D 175 -12.32 -10.04 -7.93
N MET D 176 -13.23 -9.48 -8.74
CA MET D 176 -14.49 -10.17 -9.06
C MET D 176 -14.65 -10.13 -10.52
N THR D 177 -14.63 -11.35 -11.04
CA THR D 177 -14.76 -11.54 -12.44
C THR D 177 -16.23 -11.70 -12.79
N HIS D 178 -16.70 -10.77 -13.60
CA HIS D 178 -18.10 -10.77 -14.03
C HIS D 178 -18.29 -11.64 -15.27
N GLN D 179 -19.55 -12.07 -15.49
CA GLN D 179 -19.90 -12.93 -16.65
C GLN D 179 -19.56 -12.30 -17.96
N ASN D 180 -19.75 -10.98 -18.03
CA ASN D 180 -19.35 -10.18 -19.17
C ASN D 180 -17.84 -10.06 -19.42
N GLY D 181 -16.98 -10.72 -18.65
CA GLY D 181 -15.52 -10.66 -18.92
C GLY D 181 -14.82 -9.40 -18.40
N GLN D 182 -15.52 -8.67 -17.56
CA GLN D 182 -14.92 -7.53 -16.88
C GLN D 182 -14.53 -7.97 -15.48
N ILE D 183 -13.63 -7.23 -14.84
CA ILE D 183 -13.30 -7.44 -13.44
C ILE D 183 -13.43 -6.14 -12.71
N THR D 184 -13.79 -6.26 -11.44
CA THR D 184 -13.76 -5.22 -10.48
C THR D 184 -12.75 -5.59 -9.39
N THR D 185 -11.98 -4.62 -8.94
CA THR D 185 -11.04 -4.86 -7.88
C THR D 185 -11.18 -3.80 -6.82
N ILE D 186 -10.87 -4.19 -5.60
CA ILE D 186 -10.76 -3.24 -4.53
C ILE D 186 -9.83 -3.86 -3.50
N SER D 187 -9.07 -3.03 -2.80
CA SER D 187 -8.08 -3.52 -1.86
C SER D 187 -8.09 -2.64 -0.65
N GLN D 188 -7.54 -3.16 0.43
CA GLN D 188 -7.45 -2.38 1.63
C GLN D 188 -6.28 -2.86 2.41
N GLU D 189 -5.48 -1.93 2.91
CA GLU D 189 -4.46 -2.33 3.85
C GLU D 189 -5.09 -2.64 5.21
N ILE D 190 -4.98 -3.90 5.60
CA ILE D 190 -5.39 -4.28 6.96
C ILE D 190 -4.36 -5.21 7.58
N ASP D 191 -3.92 -4.88 8.78
CA ASP D 191 -3.09 -5.80 9.53
C ASP D 191 -4.05 -6.66 10.32
N LEU D 192 -4.15 -7.95 10.02
CA LEU D 192 -5.10 -8.84 10.74
C LEU D 192 -4.85 -8.93 12.27
N LYS D 193 -3.57 -8.91 12.68
CA LYS D 193 -3.14 -8.91 14.09
C LYS D 193 -3.67 -7.69 14.86
N THR D 194 -3.84 -6.54 14.16
CA THR D 194 -4.32 -5.31 14.78
C THR D 194 -5.81 -5.34 15.08
N VAL D 195 -6.58 -6.15 14.36
CA VAL D 195 -8.04 -6.01 14.37
C VAL D 195 -8.80 -7.31 14.63
N LEU D 196 -8.12 -8.45 14.63
CA LEU D 196 -8.78 -9.74 14.87
C LEU D 196 -7.92 -10.63 15.79
N PRO D 197 -8.55 -11.57 16.52
CA PRO D 197 -7.81 -12.48 17.38
C PRO D 197 -7.03 -13.47 16.53
N GLU D 198 -6.22 -14.28 17.19
CA GLU D 198 -5.36 -15.17 16.47
C GLU D 198 -6.10 -16.29 15.73
N LYS D 199 -7.33 -16.61 16.17
CA LYS D 199 -8.14 -17.60 15.44
C LYS D 199 -9.51 -17.05 15.09
N VAL D 200 -9.85 -17.16 13.81
CA VAL D 200 -11.15 -16.67 13.31
C VAL D 200 -11.85 -17.77 12.54
N SER D 201 -13.15 -17.55 12.32
CA SER D 201 -13.88 -18.27 11.31
C SER D 201 -13.68 -17.55 9.95
N VAL D 202 -13.86 -18.31 8.88
CA VAL D 202 -13.99 -17.74 7.51
C VAL D 202 -15.28 -18.30 6.89
N GLY D 203 -15.90 -17.54 5.99
CA GLY D 203 -17.13 -18.01 5.43
C GLY D 203 -17.99 -16.81 5.10
N PHE D 204 -19.30 -17.02 5.00
CA PHE D 204 -20.20 -16.05 4.44
C PHE D 204 -21.31 -15.71 5.40
N SER D 205 -21.76 -14.47 5.26
CA SER D 205 -22.93 -14.01 5.93
C SER D 205 -23.75 -13.29 4.86
N ALA D 206 -25.04 -13.57 4.82
CA ALA D 206 -25.94 -12.95 3.85
C ALA D 206 -27.23 -12.56 4.56
N THR D 207 -27.77 -11.41 4.20
CA THR D 207 -29.09 -11.03 4.71
C THR D 207 -30.04 -10.62 3.63
N THR D 208 -31.30 -10.61 4.00
CA THR D 208 -32.33 -10.00 3.18
C THR D 208 -33.22 -9.17 4.12
N TRP D 209 -34.14 -8.43 3.53
CA TRP D 209 -34.99 -7.59 4.31
C TRP D 209 -36.45 -7.95 4.00
N ASN D 210 -37.35 -6.97 3.96
CA ASN D 210 -38.75 -7.17 3.66
C ASN D 210 -39.28 -5.75 3.41
N PRO D 211 -39.78 -5.47 2.20
CA PRO D 211 -40.06 -6.34 1.05
C PRO D 211 -38.82 -6.78 0.25
N GLU D 212 -37.69 -6.12 0.53
CA GLU D 212 -36.46 -6.22 -0.25
C GLU D 212 -35.82 -7.56 0.03
N ARG D 213 -35.40 -8.26 -1.03
CA ARG D 213 -34.85 -9.57 -0.86
C ARG D 213 -34.20 -10.07 -2.12
N GLU D 214 -33.35 -11.09 -2.00
CA GLU D 214 -32.76 -11.73 -3.19
C GLU D 214 -32.12 -13.01 -2.73
N ARG D 215 -31.80 -13.86 -3.69
CA ARG D 215 -31.04 -15.06 -3.46
C ARG D 215 -29.57 -14.70 -3.45
N HIS D 216 -28.84 -15.38 -2.58
CA HIS D 216 -27.39 -15.38 -2.60
C HIS D 216 -26.99 -16.84 -2.60
N ASP D 217 -26.62 -17.33 -3.78
CA ASP D 217 -26.33 -18.74 -3.99
C ASP D 217 -24.88 -18.87 -4.29
N ILE D 218 -24.20 -19.66 -3.46
CA ILE D 218 -22.77 -19.89 -3.62
C ILE D 218 -22.59 -21.30 -4.24
N TYR D 219 -21.76 -21.35 -5.28
CA TYR D 219 -21.62 -22.52 -6.13
C TYR D 219 -20.35 -23.27 -5.84
N SER D 220 -19.34 -22.53 -5.42
CA SER D 220 -18.04 -23.14 -5.16
C SER D 220 -17.29 -22.21 -4.24
N TRP D 221 -16.29 -22.75 -3.54
CA TRP D 221 -15.46 -22.01 -2.63
C TRP D 221 -14.22 -22.81 -2.35
N SER D 222 -13.09 -22.17 -2.60
CA SER D 222 -11.78 -22.75 -2.28
C SER D 222 -11.09 -21.80 -1.34
N PHE D 223 -10.23 -22.32 -0.47
CA PHE D 223 -9.56 -21.46 0.49
C PHE D 223 -8.21 -22.07 0.81
N THR D 224 -7.19 -21.24 0.88
CA THR D 224 -5.87 -21.71 1.30
C THR D 224 -5.27 -20.66 2.18
N SER D 225 -4.94 -21.04 3.42
CA SER D 225 -4.19 -20.16 4.30
C SER D 225 -2.91 -20.81 4.78
N THR D 226 -1.93 -19.97 5.05
CA THR D 226 -0.64 -20.40 5.62
C THR D 226 -0.20 -19.40 6.65
N LEU D 227 -0.04 -19.91 7.87
CA LEU D 227 0.56 -19.18 8.97
C LEU D 227 1.93 -19.79 9.27
N LYS D 228 2.98 -18.97 9.21
CA LYS D 228 4.31 -19.38 9.71
C LYS D 228 4.31 -19.27 11.26
N GLU D 229 4.52 -20.33 12.05
CA GLU D 229 5.38 -21.52 11.78
C GLU D 229 6.76 -21.13 11.23
N PRO D 230 7.66 -20.66 12.13
CA PRO D 230 7.75 -20.86 13.59
C PRO D 230 6.44 -20.63 14.38
C1 NAG E . -12.00 -21.23 -17.56
C2 NAG E . -12.73 -20.55 -16.40
C3 NAG E . -13.60 -21.47 -15.52
C4 NAG E . -14.05 -22.81 -16.15
C5 NAG E . -13.18 -23.28 -17.31
C6 NAG E . -13.90 -24.26 -18.23
C7 NAG E . -11.81 -18.67 -15.16
C8 NAG E . -10.94 -18.33 -13.97
N2 NAG E . -11.72 -19.93 -15.58
O3 NAG E . -14.74 -20.74 -15.06
O4 NAG E . -14.08 -23.81 -15.14
O5 NAG E . -12.84 -22.19 -18.13
O6 NAG E . -14.67 -23.53 -19.16
O7 NAG E . -12.55 -17.83 -15.68
MN MN F . 15.24 -13.36 -8.36
CA CA G . 17.88 -15.92 -10.26
C1 NAG H . 17.14 22.64 13.70
C2 NAG H . 15.89 22.25 14.46
C3 NAG H . 15.23 23.56 14.87
C4 NAG H . 16.21 24.40 15.71
C5 NAG H . 17.57 24.55 15.03
C6 NAG H . 18.63 25.08 15.99
C7 NAG H . 15.16 19.99 13.78
C8 NAG H . 14.23 19.18 12.94
N2 NAG H . 15.07 21.33 13.68
O3 NAG H . 14.07 23.25 15.60
O4 NAG H . 15.69 25.70 16.02
O5 NAG H . 18.05 23.31 14.53
O6 NAG H . 19.80 25.32 15.24
O7 NAG H . 15.96 19.41 14.52
MN MN I . 12.88 11.33 -14.00
CA CA J . 15.47 13.40 -16.48
C1 NAG K . 6.70 30.02 10.99
C2 NAG K . 7.05 29.03 9.87
C3 NAG K . 8.49 28.51 10.03
C4 NAG K . 9.49 29.61 10.35
C5 NAG K . 8.97 30.64 11.37
C6 NAG K . 9.92 31.84 11.55
C7 NAG K . 5.62 27.39 8.66
C8 NAG K . 4.87 28.29 7.69
N2 NAG K . 6.09 27.92 9.79
O3 NAG K . 8.90 27.91 8.81
O4 NAG K . 10.68 29.03 10.86
O5 NAG K . 7.64 31.06 11.01
O6 NAG K . 10.84 31.96 10.48
O7 NAG K . 5.74 26.19 8.39
MN MN L . -5.86 3.00 20.89
CA CA M . -6.94 3.71 24.82
MN MN N . -22.28 -1.41 1.66
CA CA O . -26.41 -2.01 1.90
#